data_3KVQ
# 
_entry.id   3KVQ 
# 
_audit_conform.dict_name       mmcif_pdbx.dic 
_audit_conform.dict_version    5.397 
_audit_conform.dict_location   http://mmcif.pdb.org/dictionaries/ascii/mmcif_pdbx.dic 
# 
loop_
_database_2.database_id 
_database_2.database_code 
_database_2.pdbx_database_accession 
_database_2.pdbx_DOI 
PDB   3KVQ         pdb_00003kvq 10.2210/pdb3kvq/pdb 
RCSB  RCSB056507   ?            ?                   
WWPDB D_1000056507 ?            ?                   
# 
loop_
_pdbx_audit_revision_history.ordinal 
_pdbx_audit_revision_history.data_content_type 
_pdbx_audit_revision_history.major_revision 
_pdbx_audit_revision_history.minor_revision 
_pdbx_audit_revision_history.revision_date 
1 'Structure model' 1 0 2010-02-16 
2 'Structure model' 1 1 2011-07-13 
3 'Structure model' 1 2 2023-09-06 
4 'Structure model' 1 3 2024-10-30 
# 
_pdbx_audit_revision_details.ordinal             1 
_pdbx_audit_revision_details.revision_ordinal    1 
_pdbx_audit_revision_details.data_content_type   'Structure model' 
_pdbx_audit_revision_details.provider            repository 
_pdbx_audit_revision_details.type                'Initial release' 
_pdbx_audit_revision_details.description         ? 
_pdbx_audit_revision_details.details             ? 
# 
loop_
_pdbx_audit_revision_group.ordinal 
_pdbx_audit_revision_group.revision_ordinal 
_pdbx_audit_revision_group.data_content_type 
_pdbx_audit_revision_group.group 
1 2 'Structure model' 'Version format compliance' 
2 3 'Structure model' 'Data collection'           
3 3 'Structure model' 'Database references'       
4 3 'Structure model' 'Refinement description'    
5 4 'Structure model' 'Structure summary'         
# 
loop_
_pdbx_audit_revision_category.ordinal 
_pdbx_audit_revision_category.revision_ordinal 
_pdbx_audit_revision_category.data_content_type 
_pdbx_audit_revision_category.category 
1 3 'Structure model' chem_comp_atom                
2 3 'Structure model' chem_comp_bond                
3 3 'Structure model' database_2                    
4 3 'Structure model' pdbx_initial_refinement_model 
5 4 'Structure model' pdbx_entry_details            
6 4 'Structure model' pdbx_modification_feature     
# 
loop_
_pdbx_audit_revision_item.ordinal 
_pdbx_audit_revision_item.revision_ordinal 
_pdbx_audit_revision_item.data_content_type 
_pdbx_audit_revision_item.item 
1 3 'Structure model' '_database_2.pdbx_DOI'                
2 3 'Structure model' '_database_2.pdbx_database_accession' 
# 
_pdbx_database_status.status_code                     REL 
_pdbx_database_status.entry_id                        3KVQ 
_pdbx_database_status.recvd_initial_deposition_date   2009-11-30 
_pdbx_database_status.deposit_site                    RCSB 
_pdbx_database_status.process_site                    RCSB 
_pdbx_database_status.status_code_sf                  REL 
_pdbx_database_status.status_code_mr                  ? 
_pdbx_database_status.SG_entry                        ? 
_pdbx_database_status.pdb_format_compatible           Y 
_pdbx_database_status.status_code_cs                  ? 
_pdbx_database_status.status_code_nmr_data            ? 
_pdbx_database_status.methods_development_category    ? 
# 
loop_
_audit_author.name 
_audit_author.pdbx_ordinal 
'Yang, Y.'         1 
'Opatowsky, Y.'    2 
'Xie, P.'          3 
'Schlessinger, J.' 4 
# 
_citation.id                        primary 
_citation.title                     
'Direct contacts between extracellular membrane-proximal domains are required for VEGF receptor activation and cell signaling' 
_citation.journal_abbrev            Proc.Natl.Acad.Sci.USA 
_citation.journal_volume            107 
_citation.page_first                1906 
_citation.page_last                 1911 
_citation.year                      2010 
_citation.journal_id_ASTM           PNASA6 
_citation.country                   US 
_citation.journal_id_ISSN           0027-8424 
_citation.journal_id_CSD            0040 
_citation.book_publisher            ? 
_citation.pdbx_database_id_PubMed   20080685 
_citation.pdbx_database_id_DOI      10.1073/pnas.0914052107 
# 
loop_
_citation_author.citation_id 
_citation_author.name 
_citation_author.ordinal 
_citation_author.identifier_ORCID 
primary 'Yang, Y.'         1 ? 
primary 'Xie, P.'          2 ? 
primary 'Opatowsky, Y.'    3 ? 
primary 'Schlessinger, J.' 4 ? 
# 
loop_
_entity.id 
_entity.type 
_entity.src_method 
_entity.pdbx_description 
_entity.formula_weight 
_entity.pdbx_number_of_molecules 
_entity.pdbx_ec 
_entity.pdbx_mutation 
_entity.pdbx_fragment 
_entity.details 
1 polymer man 'Vascular endothelial growth factor receptor 2' 11912.404 1  2.7.10.1 ? 'Extracellular Domain 7' ? 
2 water   nat water                                           18.015    35 ?        ? ?                        ? 
# 
_entity_name_com.entity_id   1 
_entity_name_com.name        'VEGFR-2, Kinase insert domain receptor, Protein-tyrosine kinase receptor Flk-1' 
# 
_entity_poly.entity_id                      1 
_entity_poly.type                           'polypeptide(L)' 
_entity_poly.nstd_linkage                   no 
_entity_poly.nstd_monomer                   no 
_entity_poly.pdbx_seq_one_letter_code       
;RQLTVLERVAPTITGNLENQTTSIGESIEVSCTASGNPPPQIMWFKDNETLVEDSGIVLKDGNRNLTIRRVRKEDEGLYT
CQACSVLGCAKVEAFFIIEGAQEKTNLE
;
_entity_poly.pdbx_seq_one_letter_code_can   
;RQLTVLERVAPTITGNLENQTTSIGESIEVSCTASGNPPPQIMWFKDNETLVEDSGIVLKDGNRNLTIRRVRKEDEGLYT
CQACSVLGCAKVEAFFIIEGAQEKTNLE
;
_entity_poly.pdbx_strand_id                 A 
_entity_poly.pdbx_target_identifier         ? 
# 
_pdbx_entity_nonpoly.entity_id   2 
_pdbx_entity_nonpoly.name        water 
_pdbx_entity_nonpoly.comp_id     HOH 
# 
loop_
_entity_poly_seq.entity_id 
_entity_poly_seq.num 
_entity_poly_seq.mon_id 
_entity_poly_seq.hetero 
1 1   ARG n 
1 2   GLN n 
1 3   LEU n 
1 4   THR n 
1 5   VAL n 
1 6   LEU n 
1 7   GLU n 
1 8   ARG n 
1 9   VAL n 
1 10  ALA n 
1 11  PRO n 
1 12  THR n 
1 13  ILE n 
1 14  THR n 
1 15  GLY n 
1 16  ASN n 
1 17  LEU n 
1 18  GLU n 
1 19  ASN n 
1 20  GLN n 
1 21  THR n 
1 22  THR n 
1 23  SER n 
1 24  ILE n 
1 25  GLY n 
1 26  GLU n 
1 27  SER n 
1 28  ILE n 
1 29  GLU n 
1 30  VAL n 
1 31  SER n 
1 32  CYS n 
1 33  THR n 
1 34  ALA n 
1 35  SER n 
1 36  GLY n 
1 37  ASN n 
1 38  PRO n 
1 39  PRO n 
1 40  PRO n 
1 41  GLN n 
1 42  ILE n 
1 43  MET n 
1 44  TRP n 
1 45  PHE n 
1 46  LYS n 
1 47  ASP n 
1 48  ASN n 
1 49  GLU n 
1 50  THR n 
1 51  LEU n 
1 52  VAL n 
1 53  GLU n 
1 54  ASP n 
1 55  SER n 
1 56  GLY n 
1 57  ILE n 
1 58  VAL n 
1 59  LEU n 
1 60  LYS n 
1 61  ASP n 
1 62  GLY n 
1 63  ASN n 
1 64  ARG n 
1 65  ASN n 
1 66  LEU n 
1 67  THR n 
1 68  ILE n 
1 69  ARG n 
1 70  ARG n 
1 71  VAL n 
1 72  ARG n 
1 73  LYS n 
1 74  GLU n 
1 75  ASP n 
1 76  GLU n 
1 77  GLY n 
1 78  LEU n 
1 79  TYR n 
1 80  THR n 
1 81  CYS n 
1 82  GLN n 
1 83  ALA n 
1 84  CYS n 
1 85  SER n 
1 86  VAL n 
1 87  LEU n 
1 88  GLY n 
1 89  CYS n 
1 90  ALA n 
1 91  LYS n 
1 92  VAL n 
1 93  GLU n 
1 94  ALA n 
1 95  PHE n 
1 96  PHE n 
1 97  ILE n 
1 98  ILE n 
1 99  GLU n 
1 100 GLY n 
1 101 ALA n 
1 102 GLN n 
1 103 GLU n 
1 104 LYS n 
1 105 THR n 
1 106 ASN n 
1 107 LEU n 
1 108 GLU n 
# 
_entity_src_gen.entity_id                          1 
_entity_src_gen.pdbx_src_id                        1 
_entity_src_gen.pdbx_alt_source_flag               sample 
_entity_src_gen.pdbx_seq_type                      ? 
_entity_src_gen.pdbx_beg_seq_num                   ? 
_entity_src_gen.pdbx_end_seq_num                   ? 
_entity_src_gen.gene_src_common_name               human 
_entity_src_gen.gene_src_genus                     ? 
_entity_src_gen.pdbx_gene_src_gene                 'FLK1, KDR, VEGFR2' 
_entity_src_gen.gene_src_species                   ? 
_entity_src_gen.gene_src_strain                    ? 
_entity_src_gen.gene_src_tissue                    ? 
_entity_src_gen.gene_src_tissue_fraction           ? 
_entity_src_gen.gene_src_details                   ? 
_entity_src_gen.pdbx_gene_src_fragment             ? 
_entity_src_gen.pdbx_gene_src_scientific_name      'Homo sapiens' 
_entity_src_gen.pdbx_gene_src_ncbi_taxonomy_id     9606 
_entity_src_gen.pdbx_gene_src_variant              ? 
_entity_src_gen.pdbx_gene_src_cell_line            ? 
_entity_src_gen.pdbx_gene_src_atcc                 ? 
_entity_src_gen.pdbx_gene_src_organ                ? 
_entity_src_gen.pdbx_gene_src_organelle            ? 
_entity_src_gen.pdbx_gene_src_cell                 ? 
_entity_src_gen.pdbx_gene_src_cellular_location    ? 
_entity_src_gen.host_org_common_name               ? 
_entity_src_gen.pdbx_host_org_scientific_name      'Escherichia coli' 
_entity_src_gen.pdbx_host_org_ncbi_taxonomy_id     562 
_entity_src_gen.host_org_genus                     ? 
_entity_src_gen.pdbx_host_org_gene                 ? 
_entity_src_gen.pdbx_host_org_organ                ? 
_entity_src_gen.host_org_species                   ? 
_entity_src_gen.pdbx_host_org_tissue               ? 
_entity_src_gen.pdbx_host_org_tissue_fraction      ? 
_entity_src_gen.pdbx_host_org_strain               BL21 
_entity_src_gen.pdbx_host_org_variant              ? 
_entity_src_gen.pdbx_host_org_cell_line            ? 
_entity_src_gen.pdbx_host_org_atcc                 ? 
_entity_src_gen.pdbx_host_org_culture_collection   ? 
_entity_src_gen.pdbx_host_org_cell                 ? 
_entity_src_gen.pdbx_host_org_organelle            ? 
_entity_src_gen.pdbx_host_org_cellular_location    ? 
_entity_src_gen.pdbx_host_org_vector_type          pET 
_entity_src_gen.pdbx_host_org_vector               ? 
_entity_src_gen.host_org_details                   ? 
_entity_src_gen.expression_system_id               ? 
_entity_src_gen.plasmid_name                       ? 
_entity_src_gen.plasmid_details                    ? 
_entity_src_gen.pdbx_description                   ? 
# 
loop_
_chem_comp.id 
_chem_comp.type 
_chem_comp.mon_nstd_flag 
_chem_comp.name 
_chem_comp.pdbx_synonyms 
_chem_comp.formula 
_chem_comp.formula_weight 
ALA 'L-peptide linking' y ALANINE         ? 'C3 H7 N O2'     89.093  
ARG 'L-peptide linking' y ARGININE        ? 'C6 H15 N4 O2 1' 175.209 
ASN 'L-peptide linking' y ASPARAGINE      ? 'C4 H8 N2 O3'    132.118 
ASP 'L-peptide linking' y 'ASPARTIC ACID' ? 'C4 H7 N O4'     133.103 
CYS 'L-peptide linking' y CYSTEINE        ? 'C3 H7 N O2 S'   121.158 
GLN 'L-peptide linking' y GLUTAMINE       ? 'C5 H10 N2 O3'   146.144 
GLU 'L-peptide linking' y 'GLUTAMIC ACID' ? 'C5 H9 N O4'     147.129 
GLY 'peptide linking'   y GLYCINE         ? 'C2 H5 N O2'     75.067  
HOH non-polymer         . WATER           ? 'H2 O'           18.015  
ILE 'L-peptide linking' y ISOLEUCINE      ? 'C6 H13 N O2'    131.173 
LEU 'L-peptide linking' y LEUCINE         ? 'C6 H13 N O2'    131.173 
LYS 'L-peptide linking' y LYSINE          ? 'C6 H15 N2 O2 1' 147.195 
MET 'L-peptide linking' y METHIONINE      ? 'C5 H11 N O2 S'  149.211 
PHE 'L-peptide linking' y PHENYLALANINE   ? 'C9 H11 N O2'    165.189 
PRO 'L-peptide linking' y PROLINE         ? 'C5 H9 N O2'     115.130 
SER 'L-peptide linking' y SERINE          ? 'C3 H7 N O3'     105.093 
THR 'L-peptide linking' y THREONINE       ? 'C4 H9 N O3'     119.119 
TRP 'L-peptide linking' y TRYPTOPHAN      ? 'C11 H12 N2 O2'  204.225 
TYR 'L-peptide linking' y TYROSINE        ? 'C9 H11 N O3'    181.189 
VAL 'L-peptide linking' y VALINE          ? 'C5 H11 N O2'    117.146 
# 
loop_
_pdbx_poly_seq_scheme.asym_id 
_pdbx_poly_seq_scheme.entity_id 
_pdbx_poly_seq_scheme.seq_id 
_pdbx_poly_seq_scheme.mon_id 
_pdbx_poly_seq_scheme.ndb_seq_num 
_pdbx_poly_seq_scheme.pdb_seq_num 
_pdbx_poly_seq_scheme.auth_seq_num 
_pdbx_poly_seq_scheme.pdb_mon_id 
_pdbx_poly_seq_scheme.auth_mon_id 
_pdbx_poly_seq_scheme.pdb_strand_id 
_pdbx_poly_seq_scheme.pdb_ins_code 
_pdbx_poly_seq_scheme.hetero 
A 1 1   ARG 1   657 ?   ?   ?   A . n 
A 1 2   GLN 2   658 ?   ?   ?   A . n 
A 1 3   LEU 3   659 ?   ?   ?   A . n 
A 1 4   THR 4   660 ?   ?   ?   A . n 
A 1 5   VAL 5   661 ?   ?   ?   A . n 
A 1 6   LEU 6   662 ?   ?   ?   A . n 
A 1 7   GLU 7   663 ?   ?   ?   A . n 
A 1 8   ARG 8   664 ?   ?   ?   A . n 
A 1 9   VAL 9   665 ?   ?   ?   A . n 
A 1 10  ALA 10  666 ?   ?   ?   A . n 
A 1 11  PRO 11  667 667 PRO PRO A . n 
A 1 12  THR 12  668 668 THR THR A . n 
A 1 13  ILE 13  669 669 ILE ILE A . n 
A 1 14  THR 14  670 670 THR THR A . n 
A 1 15  GLY 15  671 671 GLY GLY A . n 
A 1 16  ASN 16  672 672 ASN ASN A . n 
A 1 17  LEU 17  673 673 LEU LEU A . n 
A 1 18  GLU 18  674 674 GLU GLU A . n 
A 1 19  ASN 19  675 675 ASN ASN A . n 
A 1 20  GLN 20  676 676 GLN GLN A . n 
A 1 21  THR 21  677 677 THR THR A . n 
A 1 22  THR 22  678 678 THR THR A . n 
A 1 23  SER 23  679 679 SER SER A . n 
A 1 24  ILE 24  680 680 ILE ILE A . n 
A 1 25  GLY 25  681 681 GLY GLY A . n 
A 1 26  GLU 26  682 682 GLU GLU A . n 
A 1 27  SER 27  683 683 SER SER A . n 
A 1 28  ILE 28  684 684 ILE ILE A . n 
A 1 29  GLU 29  685 685 GLU GLU A . n 
A 1 30  VAL 30  686 686 VAL VAL A . n 
A 1 31  SER 31  687 687 SER SER A . n 
A 1 32  CYS 32  688 688 CYS CYS A . n 
A 1 33  THR 33  689 689 THR THR A . n 
A 1 34  ALA 34  690 690 ALA ALA A . n 
A 1 35  SER 35  691 691 SER SER A . n 
A 1 36  GLY 36  692 ?   ?   ?   A . n 
A 1 37  ASN 37  693 ?   ?   ?   A . n 
A 1 38  PRO 38  694 ?   ?   ?   A . n 
A 1 39  PRO 39  695 ?   ?   ?   A . n 
A 1 40  PRO 40  696 696 PRO PRO A . n 
A 1 41  GLN 41  697 697 GLN ALA A . n 
A 1 42  ILE 42  698 698 ILE ILE A . n 
A 1 43  MET 43  699 699 MET MET A . n 
A 1 44  TRP 44  700 700 TRP TRP A . n 
A 1 45  PHE 45  701 701 PHE PHE A . n 
A 1 46  LYS 46  702 702 LYS LYS A . n 
A 1 47  ASP 47  703 703 ASP ASP A . n 
A 1 48  ASN 48  704 704 ASN ASN A . n 
A 1 49  GLU 49  705 705 GLU GLU A . n 
A 1 50  THR 50  706 706 THR THR A . n 
A 1 51  LEU 51  707 707 LEU LEU A . n 
A 1 52  VAL 52  708 708 VAL VAL A . n 
A 1 53  GLU 53  709 709 GLU GLU A . n 
A 1 54  ASP 54  710 710 ASP ASP A . n 
A 1 55  SER 55  711 711 SER SER A . n 
A 1 56  GLY 56  712 712 GLY GLY A . n 
A 1 57  ILE 57  713 713 ILE ILE A . n 
A 1 58  VAL 58  714 714 VAL VAL A . n 
A 1 59  LEU 59  715 715 LEU LEU A . n 
A 1 60  LYS 60  716 716 LYS LYS A . n 
A 1 61  ASP 61  717 717 ASP ASP A . n 
A 1 62  GLY 62  718 718 GLY GLY A . n 
A 1 63  ASN 63  719 719 ASN ASN A . n 
A 1 64  ARG 64  720 720 ARG ARG A . n 
A 1 65  ASN 65  721 721 ASN ASN A . n 
A 1 66  LEU 66  722 722 LEU LEU A . n 
A 1 67  THR 67  723 723 THR THR A . n 
A 1 68  ILE 68  724 724 ILE ILE A . n 
A 1 69  ARG 69  725 725 ARG ARG A . n 
A 1 70  ARG 70  726 726 ARG ARG A . n 
A 1 71  VAL 71  727 727 VAL VAL A . n 
A 1 72  ARG 72  728 728 ARG ARG A . n 
A 1 73  LYS 73  729 729 LYS LYS A . n 
A 1 74  GLU 74  730 730 GLU GLU A . n 
A 1 75  ASP 75  731 731 ASP ASP A . n 
A 1 76  GLU 76  732 732 GLU GLU A . n 
A 1 77  GLY 77  733 733 GLY GLY A . n 
A 1 78  LEU 78  734 734 LEU LEU A . n 
A 1 79  TYR 79  735 735 TYR TYR A . n 
A 1 80  THR 80  736 736 THR THR A . n 
A 1 81  CYS 81  737 737 CYS CYS A . n 
A 1 82  GLN 82  738 738 GLN GLN A . n 
A 1 83  ALA 83  739 739 ALA ALA A . n 
A 1 84  CYS 84  740 740 CYS CYS A . n 
A 1 85  SER 85  741 ?   ?   ?   A . n 
A 1 86  VAL 86  742 ?   ?   ?   A . n 
A 1 87  LEU 87  743 ?   ?   ?   A . n 
A 1 88  GLY 88  744 ?   ?   ?   A . n 
A 1 89  CYS 89  745 745 CYS CYS A . n 
A 1 90  ALA 90  746 746 ALA ALA A . n 
A 1 91  LYS 91  747 747 LYS LYS A . n 
A 1 92  VAL 92  748 748 VAL VAL A . n 
A 1 93  GLU 93  749 749 GLU GLU A . n 
A 1 94  ALA 94  750 750 ALA ALA A . n 
A 1 95  PHE 95  751 751 PHE PHE A . n 
A 1 96  PHE 96  752 752 PHE PHE A . n 
A 1 97  ILE 97  753 753 ILE ILE A . n 
A 1 98  ILE 98  754 754 ILE ILE A . n 
A 1 99  GLU 99  755 755 GLU GLU A . n 
A 1 100 GLY 100 756 756 GLY GLY A . n 
A 1 101 ALA 101 757 ?   ?   ?   A . n 
A 1 102 GLN 102 758 ?   ?   ?   A . n 
A 1 103 GLU 103 759 ?   ?   ?   A . n 
A 1 104 LYS 104 760 ?   ?   ?   A . n 
A 1 105 THR 105 761 ?   ?   ?   A . n 
A 1 106 ASN 106 762 ?   ?   ?   A . n 
A 1 107 LEU 107 763 ?   ?   ?   A . n 
A 1 108 GLU 108 764 ?   ?   ?   A . n 
# 
loop_
_pdbx_nonpoly_scheme.asym_id 
_pdbx_nonpoly_scheme.entity_id 
_pdbx_nonpoly_scheme.mon_id 
_pdbx_nonpoly_scheme.ndb_seq_num 
_pdbx_nonpoly_scheme.pdb_seq_num 
_pdbx_nonpoly_scheme.auth_seq_num 
_pdbx_nonpoly_scheme.pdb_mon_id 
_pdbx_nonpoly_scheme.auth_mon_id 
_pdbx_nonpoly_scheme.pdb_strand_id 
_pdbx_nonpoly_scheme.pdb_ins_code 
B 2 HOH 1  1  1  HOH HOH A . 
B 2 HOH 2  2  2  HOH HOH A . 
B 2 HOH 3  3  3  HOH HOH A . 
B 2 HOH 4  4  4  HOH HOH A . 
B 2 HOH 5  5  5  HOH HOH A . 
B 2 HOH 6  6  6  HOH HOH A . 
B 2 HOH 7  7  7  HOH HOH A . 
B 2 HOH 8  8  8  HOH HOH A . 
B 2 HOH 9  9  9  HOH HOH A . 
B 2 HOH 10 10 10 HOH HOH A . 
B 2 HOH 11 11 11 HOH HOH A . 
B 2 HOH 12 12 12 HOH HOH A . 
B 2 HOH 13 13 13 HOH HOH A . 
B 2 HOH 14 14 14 HOH HOH A . 
B 2 HOH 15 15 15 HOH HOH A . 
B 2 HOH 16 16 16 HOH HOH A . 
B 2 HOH 17 17 17 HOH HOH A . 
B 2 HOH 18 18 18 HOH HOH A . 
B 2 HOH 19 19 19 HOH HOH A . 
B 2 HOH 20 20 20 HOH HOH A . 
B 2 HOH 21 21 21 HOH HOH A . 
B 2 HOH 22 22 22 HOH HOH A . 
B 2 HOH 23 23 23 HOH HOH A . 
B 2 HOH 24 24 24 HOH HOH A . 
B 2 HOH 25 25 25 HOH HOH A . 
B 2 HOH 26 26 26 HOH HOH A . 
B 2 HOH 27 27 27 HOH HOH A . 
B 2 HOH 28 28 28 HOH HOH A . 
B 2 HOH 29 29 29 HOH HOH A . 
B 2 HOH 30 30 30 HOH HOH A . 
B 2 HOH 31 31 31 HOH HOH A . 
B 2 HOH 32 32 32 HOH HOH A . 
B 2 HOH 33 33 33 HOH HOH A . 
B 2 HOH 34 34 34 HOH HOH A . 
B 2 HOH 35 35 35 HOH HOH A . 
# 
loop_
_pdbx_unobs_or_zero_occ_atoms.id 
_pdbx_unobs_or_zero_occ_atoms.PDB_model_num 
_pdbx_unobs_or_zero_occ_atoms.polymer_flag 
_pdbx_unobs_or_zero_occ_atoms.occupancy_flag 
_pdbx_unobs_or_zero_occ_atoms.auth_asym_id 
_pdbx_unobs_or_zero_occ_atoms.auth_comp_id 
_pdbx_unobs_or_zero_occ_atoms.auth_seq_id 
_pdbx_unobs_or_zero_occ_atoms.PDB_ins_code 
_pdbx_unobs_or_zero_occ_atoms.auth_atom_id 
_pdbx_unobs_or_zero_occ_atoms.label_alt_id 
_pdbx_unobs_or_zero_occ_atoms.label_asym_id 
_pdbx_unobs_or_zero_occ_atoms.label_comp_id 
_pdbx_unobs_or_zero_occ_atoms.label_seq_id 
_pdbx_unobs_or_zero_occ_atoms.label_atom_id 
1 1 Y 1 A GLN 697 ? CG  ? A GLN 41 CG  
2 1 Y 1 A GLN 697 ? CD  ? A GLN 41 CD  
3 1 Y 1 A GLN 697 ? OE1 ? A GLN 41 OE1 
4 1 Y 1 A GLN 697 ? NE2 ? A GLN 41 NE2 
# 
loop_
_software.name 
_software.classification 
_software.version 
_software.citation_id 
_software.pdbx_ordinal 
HKL-2000 'data collection' .        ? 1 
MOLREP   phasing           .        ? 2 
REFMAC   refinement        5.5.0102 ? 3 
HKL-2000 'data reduction'  .        ? 4 
HKL-2000 'data scaling'    .        ? 5 
# 
_cell.entry_id           3KVQ 
_cell.length_a           39.476 
_cell.length_b           76.989 
_cell.length_c           102.035 
_cell.angle_alpha        90.00 
_cell.angle_beta         90.00 
_cell.angle_gamma        90.00 
_cell.Z_PDB              8 
_cell.pdbx_unique_axis   ? 
_cell.length_a_esd       ? 
_cell.length_b_esd       ? 
_cell.length_c_esd       ? 
_cell.angle_alpha_esd    ? 
_cell.angle_beta_esd     ? 
_cell.angle_gamma_esd    ? 
# 
_symmetry.entry_id                         3KVQ 
_symmetry.space_group_name_H-M             'I 21 21 21' 
_symmetry.pdbx_full_space_group_name_H-M   ? 
_symmetry.cell_setting                     ? 
_symmetry.Int_Tables_number                24 
_symmetry.space_group_name_Hall            ? 
# 
_exptl.entry_id          3KVQ 
_exptl.method            'X-RAY DIFFRACTION' 
_exptl.crystals_number   1 
# 
_exptl_crystal.id                    1 
_exptl_crystal.density_meas          ? 
_exptl_crystal.density_Matthews      3.25 
_exptl_crystal.density_percent_sol   62.20 
_exptl_crystal.description           ? 
_exptl_crystal.F_000                 ? 
_exptl_crystal.preparation           ? 
# 
_exptl_crystal_grow.crystal_id      1 
_exptl_crystal_grow.method          'VAPOR DIFFUSION, SITTING DROP' 
_exptl_crystal_grow.temp            277.15 
_exptl_crystal_grow.temp_details    ? 
_exptl_crystal_grow.pH              7 
_exptl_crystal_grow.pdbx_details    
;Succinic Acid 0.2M, pH7  
PEG3350 18%, VAPOR DIFFUSION, SITTING DROP, temperature 277.15K
;
_exptl_crystal_grow.pdbx_pH_range   ? 
# 
_diffrn.id                     1 
_diffrn.ambient_temp           110 
_diffrn.ambient_temp_details   ? 
_diffrn.crystal_id             1 
# 
_diffrn_detector.diffrn_id              1 
_diffrn_detector.detector               CCD 
_diffrn_detector.type                   'ADSC QUANTUM 315' 
_diffrn_detector.pdbx_collection_date   2008-11-07 
_diffrn_detector.details                ? 
# 
_diffrn_radiation.diffrn_id                        1 
_diffrn_radiation.wavelength_id                    1 
_diffrn_radiation.pdbx_monochromatic_or_laue_m_l   M 
_diffrn_radiation.monochromator                    ? 
_diffrn_radiation.pdbx_diffrn_protocol             'SINGLE WAVELENGTH' 
_diffrn_radiation.pdbx_scattering_type             x-ray 
# 
_diffrn_radiation_wavelength.id           1 
_diffrn_radiation_wavelength.wavelength   1.08090 
_diffrn_radiation_wavelength.wt           1.0 
# 
_diffrn_source.diffrn_id                   1 
_diffrn_source.source                      SYNCHROTRON 
_diffrn_source.type                        'NSLS BEAMLINE X29A' 
_diffrn_source.pdbx_synchrotron_site       NSLS 
_diffrn_source.pdbx_synchrotron_beamline   X29A 
_diffrn_source.pdbx_wavelength             ? 
_diffrn_source.pdbx_wavelength_list        1.08090 
# 
_reflns.entry_id                     3KVQ 
_reflns.observed_criterion_sigma_I   2 
_reflns.observed_criterion_sigma_F   ? 
_reflns.d_resolution_low             50 
_reflns.d_resolution_high            2.7 
_reflns.number_obs                   4544 
_reflns.number_all                   4558 
_reflns.percent_possible_obs         99.8 
_reflns.pdbx_Rmerge_I_obs            0.044 
_reflns.pdbx_Rsym_value              ? 
_reflns.pdbx_netI_over_sigmaI        47 
_reflns.B_iso_Wilson_estimate        ? 
_reflns.pdbx_redundancy              12.9 
_reflns.R_free_details               ? 
_reflns.limit_h_max                  ? 
_reflns.limit_h_min                  ? 
_reflns.limit_k_max                  ? 
_reflns.limit_k_min                  ? 
_reflns.limit_l_max                  ? 
_reflns.limit_l_min                  ? 
_reflns.observed_criterion_F_max     ? 
_reflns.observed_criterion_F_min     ? 
_reflns.pdbx_chi_squared             ? 
_reflns.pdbx_scaling_rejects         ? 
_reflns.pdbx_diffrn_id               1 
_reflns.pdbx_ordinal                 1 
# 
_reflns_shell.d_res_high             2.7 
_reflns_shell.d_res_low              2.8 
_reflns_shell.percent_possible_all   100 
_reflns_shell.Rmerge_I_obs           0.084 
_reflns_shell.pdbx_Rsym_value        ? 
_reflns_shell.meanI_over_sigI_obs    35.9 
_reflns_shell.pdbx_redundancy        13.4 
_reflns_shell.percent_possible_obs   ? 
_reflns_shell.number_unique_all      454 
_reflns_shell.number_measured_all    ? 
_reflns_shell.number_measured_obs    ? 
_reflns_shell.number_unique_obs      ? 
_reflns_shell.pdbx_chi_squared       ? 
_reflns_shell.pdbx_diffrn_id         ? 
_reflns_shell.pdbx_ordinal           1 
# 
_refine.entry_id                                 3KVQ 
_refine.ls_number_reflns_obs                     4327 
_refine.ls_number_reflns_all                     ? 
_refine.pdbx_ls_sigma_I                          ? 
_refine.pdbx_ls_sigma_F                          . 
_refine.pdbx_data_cutoff_high_absF               ? 
_refine.pdbx_data_cutoff_low_absF                ? 
_refine.pdbx_data_cutoff_high_rms_absF           ? 
_refine.ls_d_res_low                             31.11 
_refine.ls_d_res_high                            2.70 
_refine.ls_percent_reflns_obs                    99.82 
_refine.ls_R_factor_obs                          0.23303 
_refine.ls_R_factor_all                          ? 
_refine.ls_R_factor_R_work                       0.22996 
_refine.ls_R_factor_R_free                       0.29647 
_refine.ls_R_factor_R_free_error                 ? 
_refine.ls_R_factor_R_free_error_details         ? 
_refine.ls_percent_reflns_R_free                 4.4 
_refine.ls_number_reflns_R_free                  200 
_refine.ls_number_parameters                     ? 
_refine.ls_number_restraints                     ? 
_refine.occupancy_min                            ? 
_refine.occupancy_max                            ? 
_refine.correlation_coeff_Fo_to_Fc               0.915 
_refine.correlation_coeff_Fo_to_Fc_free          0.857 
_refine.B_iso_mean                               36.799 
_refine.aniso_B[1][1]                            0.55 
_refine.aniso_B[2][2]                            -0.55 
_refine.aniso_B[3][3]                            0.00 
_refine.aniso_B[1][2]                            0.00 
_refine.aniso_B[1][3]                            0.00 
_refine.aniso_B[2][3]                            0.00 
_refine.solvent_model_details                    MASK 
_refine.solvent_model_param_ksol                 ? 
_refine.solvent_model_param_bsol                 ? 
_refine.pdbx_solvent_vdw_probe_radii             1.40 
_refine.pdbx_solvent_ion_probe_radii             0.80 
_refine.pdbx_solvent_shrinkage_radii             0.80 
_refine.pdbx_ls_cross_valid_method               THROUGHOUT 
_refine.details                                  'HYDROGENS HAVE BEEN ADDED IN THE RIDING POSITIONS' 
_refine.pdbx_starting_model                      'PDB entries 2IEP, 1TLK, 2E9W' 
_refine.pdbx_method_to_determine_struct          'MOLECULAR REPLACEMENT' 
_refine.pdbx_isotropic_thermal_model             ? 
_refine.pdbx_stereochemistry_target_values       'MAXIMUM LIKELIHOOD' 
_refine.pdbx_stereochem_target_val_spec_case     ? 
_refine.pdbx_R_Free_selection_details            RANDOM 
_refine.pdbx_overall_ESU_R                       0.337 
_refine.pdbx_overall_ESU_R_Free                  0.319 
_refine.overall_SU_ML                            0.227 
_refine.overall_SU_B                             11.026 
_refine.ls_redundancy_reflns_obs                 ? 
_refine.B_iso_min                                ? 
_refine.B_iso_max                                ? 
_refine.overall_SU_R_Cruickshank_DPI             ? 
_refine.overall_SU_R_free                        ? 
_refine.ls_wR_factor_R_free                      ? 
_refine.ls_wR_factor_R_work                      ? 
_refine.overall_FOM_free_R_set                   ? 
_refine.overall_FOM_work_R_set                   ? 
_refine.pdbx_overall_phase_error                 ? 
_refine.pdbx_refine_id                           'X-RAY DIFFRACTION' 
_refine.pdbx_diffrn_id                           1 
_refine.pdbx_TLS_residual_ADP_flag               ? 
_refine.pdbx_overall_SU_R_free_Cruickshank_DPI   ? 
_refine.pdbx_overall_SU_R_Blow_DPI               ? 
_refine.pdbx_overall_SU_R_free_Blow_DPI          ? 
# 
_refine_hist.pdbx_refine_id                   'X-RAY DIFFRACTION' 
_refine_hist.cycle_id                         LAST 
_refine_hist.pdbx_number_atoms_protein        630 
_refine_hist.pdbx_number_atoms_nucleic_acid   0 
_refine_hist.pdbx_number_atoms_ligand         0 
_refine_hist.number_atoms_solvent             35 
_refine_hist.number_atoms_total               665 
_refine_hist.d_res_high                       2.70 
_refine_hist.d_res_low                        31.11 
# 
loop_
_refine_ls_restr.type 
_refine_ls_restr.dev_ideal 
_refine_ls_restr.dev_ideal_target 
_refine_ls_restr.weight 
_refine_ls_restr.number 
_refine_ls_restr.pdbx_refine_id 
_refine_ls_restr.pdbx_restraint_function 
r_bond_refined_d       0.024  0.022  ? 636 'X-RAY DIFFRACTION' ? 
r_angle_refined_deg    2.200  1.948  ? 855 'X-RAY DIFFRACTION' ? 
r_dihedral_angle_1_deg 7.284  5.000  ? 79  'X-RAY DIFFRACTION' ? 
r_dihedral_angle_2_deg 45.462 25.517 ? 29  'X-RAY DIFFRACTION' ? 
r_dihedral_angle_3_deg 20.887 15.000 ? 115 'X-RAY DIFFRACTION' ? 
r_dihedral_angle_4_deg 18.748 15.000 ? 4   'X-RAY DIFFRACTION' ? 
r_chiral_restr         0.124  0.200  ? 102 'X-RAY DIFFRACTION' ? 
r_gen_planes_refined   0.009  0.020  ? 455 'X-RAY DIFFRACTION' ? 
# 
_refine_ls_shell.pdbx_total_number_of_bins_used   20 
_refine_ls_shell.d_res_high                       2.700 
_refine_ls_shell.d_res_low                        2.770 
_refine_ls_shell.number_reflns_R_work             312 
_refine_ls_shell.R_factor_R_work                  0.306 
_refine_ls_shell.percent_reflns_obs               100.00 
_refine_ls_shell.R_factor_R_free                  0.425 
_refine_ls_shell.R_factor_R_free_error            ? 
_refine_ls_shell.percent_reflns_R_free            ? 
_refine_ls_shell.number_reflns_R_free             14 
_refine_ls_shell.number_reflns_all                ? 
_refine_ls_shell.R_factor_all                     ? 
_refine_ls_shell.number_reflns_obs                ? 
_refine_ls_shell.redundancy_reflns_obs            ? 
_refine_ls_shell.pdbx_refine_id                   'X-RAY DIFFRACTION' 
# 
_struct.entry_id                  3KVQ 
_struct.title                     'Crystal structure of VEGFR2 extracellular domain D7' 
_struct.pdbx_model_details        ? 
_struct.pdbx_CASP_flag            N 
_struct.pdbx_model_type_details   ? 
# 
_struct_keywords.entry_id        3KVQ 
_struct_keywords.pdbx_keywords   TRANSFERASE 
_struct_keywords.text            
;VEGFR2, Angiogenesis, ATP-binding, Developmental protein, Differentiation, Glycoprotein, Host-virus interaction, Immunoglobulin domain, Kinase, Membrane, Nucleotide-binding, Phosphoprotein, Polymorphism, Receptor, Transferase, Transmembrane, Tyrosine-protein kinase
;
# 
loop_
_struct_asym.id 
_struct_asym.pdbx_blank_PDB_chainid_flag 
_struct_asym.pdbx_modified 
_struct_asym.entity_id 
_struct_asym.details 
A N N 1 ? 
B N N 2 ? 
# 
_struct_ref.id                         1 
_struct_ref.db_name                    UNP 
_struct_ref.db_code                    VGFR2_HUMAN 
_struct_ref.pdbx_db_accession          P35968 
_struct_ref.entity_id                  1 
_struct_ref.pdbx_seq_one_letter_code   
;RQLTVLERVAPTITGNLENQTTSIGESIEVSCTASGNPPPQIMWFKDNETLVEDSGIVLKDGNRNLTIRRVRKEDEGLYT
CQACSVLGCAKVEAFFIIEGAQEKTNLE
;
_struct_ref.pdbx_align_begin           657 
_struct_ref.pdbx_db_isoform            ? 
# 
_struct_ref_seq.align_id                      1 
_struct_ref_seq.ref_id                        1 
_struct_ref_seq.pdbx_PDB_id_code              3KVQ 
_struct_ref_seq.pdbx_strand_id                A 
_struct_ref_seq.seq_align_beg                 1 
_struct_ref_seq.pdbx_seq_align_beg_ins_code   ? 
_struct_ref_seq.seq_align_end                 108 
_struct_ref_seq.pdbx_seq_align_end_ins_code   ? 
_struct_ref_seq.pdbx_db_accession             P35968 
_struct_ref_seq.db_align_beg                  657 
_struct_ref_seq.pdbx_db_align_beg_ins_code    ? 
_struct_ref_seq.db_align_end                  764 
_struct_ref_seq.pdbx_db_align_end_ins_code    ? 
_struct_ref_seq.pdbx_auth_seq_align_beg       657 
_struct_ref_seq.pdbx_auth_seq_align_end       764 
# 
_pdbx_struct_assembly.id                   1 
_pdbx_struct_assembly.details              author_defined_assembly 
_pdbx_struct_assembly.method_details       ? 
_pdbx_struct_assembly.oligomeric_details   dimeric 
_pdbx_struct_assembly.oligomeric_count     2 
# 
_pdbx_struct_assembly_gen.assembly_id       1 
_pdbx_struct_assembly_gen.oper_expression   1,2 
_pdbx_struct_assembly_gen.asym_id_list      A,B 
# 
loop_
_pdbx_struct_oper_list.id 
_pdbx_struct_oper_list.type 
_pdbx_struct_oper_list.name 
_pdbx_struct_oper_list.symmetry_operation 
_pdbx_struct_oper_list.matrix[1][1] 
_pdbx_struct_oper_list.matrix[1][2] 
_pdbx_struct_oper_list.matrix[1][3] 
_pdbx_struct_oper_list.vector[1] 
_pdbx_struct_oper_list.matrix[2][1] 
_pdbx_struct_oper_list.matrix[2][2] 
_pdbx_struct_oper_list.matrix[2][3] 
_pdbx_struct_oper_list.vector[2] 
_pdbx_struct_oper_list.matrix[3][1] 
_pdbx_struct_oper_list.matrix[3][2] 
_pdbx_struct_oper_list.matrix[3][3] 
_pdbx_struct_oper_list.vector[3] 
1 'identity operation'         1_555 x,y,z         1.0000000000  0.0000000000  0.0000000000 0.0000000000   0.0000000000  1.0000000000 0.0000000000  0.0000000000   0.0000000000 0.0000000000  1.0000000000  0.0000000000   
2 'crystal symmetry operation' 6_655 -x+1,-y+1/2,z -0.7636408038 -0.5720580915 0.2993363704 -12.2911324126 -0.5720580915 0.3845471865 -0.7244811946 -15.6916456501 0.2993363704 -0.7244811946 -0.6209063827 -20.2829034015 
# 
_struct_biol.id        1 
_struct_biol.details   ? 
# 
_struct_conf.conf_type_id            HELX_P 
_struct_conf.id                      HELX_P1 
_struct_conf.pdbx_PDB_helix_id       1 
_struct_conf.beg_label_comp_id       ARG 
_struct_conf.beg_label_asym_id       A 
_struct_conf.beg_label_seq_id        72 
_struct_conf.pdbx_beg_PDB_ins_code   ? 
_struct_conf.end_label_comp_id       GLU 
_struct_conf.end_label_asym_id       A 
_struct_conf.end_label_seq_id        76 
_struct_conf.pdbx_end_PDB_ins_code   ? 
_struct_conf.beg_auth_comp_id        ARG 
_struct_conf.beg_auth_asym_id        A 
_struct_conf.beg_auth_seq_id         728 
_struct_conf.end_auth_comp_id        GLU 
_struct_conf.end_auth_asym_id        A 
_struct_conf.end_auth_seq_id         732 
_struct_conf.pdbx_PDB_helix_class    5 
_struct_conf.details                 ? 
_struct_conf.pdbx_PDB_helix_length   5 
# 
_struct_conf_type.id          HELX_P 
_struct_conf_type.criteria    ? 
_struct_conf_type.reference   ? 
# 
loop_
_struct_conn.id 
_struct_conn.conn_type_id 
_struct_conn.pdbx_leaving_atom_flag 
_struct_conn.pdbx_PDB_id 
_struct_conn.ptnr1_label_asym_id 
_struct_conn.ptnr1_label_comp_id 
_struct_conn.ptnr1_label_seq_id 
_struct_conn.ptnr1_label_atom_id 
_struct_conn.pdbx_ptnr1_label_alt_id 
_struct_conn.pdbx_ptnr1_PDB_ins_code 
_struct_conn.pdbx_ptnr1_standard_comp_id 
_struct_conn.ptnr1_symmetry 
_struct_conn.ptnr2_label_asym_id 
_struct_conn.ptnr2_label_comp_id 
_struct_conn.ptnr2_label_seq_id 
_struct_conn.ptnr2_label_atom_id 
_struct_conn.pdbx_ptnr2_label_alt_id 
_struct_conn.pdbx_ptnr2_PDB_ins_code 
_struct_conn.ptnr1_auth_asym_id 
_struct_conn.ptnr1_auth_comp_id 
_struct_conn.ptnr1_auth_seq_id 
_struct_conn.ptnr2_auth_asym_id 
_struct_conn.ptnr2_auth_comp_id 
_struct_conn.ptnr2_auth_seq_id 
_struct_conn.ptnr2_symmetry 
_struct_conn.pdbx_ptnr3_label_atom_id 
_struct_conn.pdbx_ptnr3_label_seq_id 
_struct_conn.pdbx_ptnr3_label_comp_id 
_struct_conn.pdbx_ptnr3_label_asym_id 
_struct_conn.pdbx_ptnr3_label_alt_id 
_struct_conn.pdbx_ptnr3_PDB_ins_code 
_struct_conn.details 
_struct_conn.pdbx_dist_value 
_struct_conn.pdbx_value_order 
_struct_conn.pdbx_role 
disulf1 disulf ? ? A CYS 32 SG ? ? ? 1_555 A CYS 81 SG ? ? A CYS 688 A CYS 737 1_555 ? ? ? ? ? ? ? 2.041 ? ? 
disulf2 disulf ? ? A CYS 84 SG ? ? ? 1_555 A CYS 89 SG ? ? A CYS 740 A CYS 745 1_555 ? ? ? ? ? ? ? 2.988 ? ? 
# 
_struct_conn_type.id          disulf 
_struct_conn_type.criteria    ? 
_struct_conn_type.reference   ? 
# 
loop_
_pdbx_modification_feature.ordinal 
_pdbx_modification_feature.label_comp_id 
_pdbx_modification_feature.label_asym_id 
_pdbx_modification_feature.label_seq_id 
_pdbx_modification_feature.label_alt_id 
_pdbx_modification_feature.modified_residue_label_comp_id 
_pdbx_modification_feature.modified_residue_label_asym_id 
_pdbx_modification_feature.modified_residue_label_seq_id 
_pdbx_modification_feature.modified_residue_label_alt_id 
_pdbx_modification_feature.auth_comp_id 
_pdbx_modification_feature.auth_asym_id 
_pdbx_modification_feature.auth_seq_id 
_pdbx_modification_feature.PDB_ins_code 
_pdbx_modification_feature.symmetry 
_pdbx_modification_feature.modified_residue_auth_comp_id 
_pdbx_modification_feature.modified_residue_auth_asym_id 
_pdbx_modification_feature.modified_residue_auth_seq_id 
_pdbx_modification_feature.modified_residue_PDB_ins_code 
_pdbx_modification_feature.modified_residue_symmetry 
_pdbx_modification_feature.comp_id_linking_atom 
_pdbx_modification_feature.modified_residue_id_linking_atom 
_pdbx_modification_feature.modified_residue_id 
_pdbx_modification_feature.ref_pcm_id 
_pdbx_modification_feature.ref_comp_id 
_pdbx_modification_feature.type 
_pdbx_modification_feature.category 
1 CYS A 32 ? CYS A 81 ? CYS A 688 ? 1_555 CYS A 737 ? 1_555 SG SG . . . None 'Disulfide bridge' 
2 CYS A 84 ? CYS A 89 ? CYS A 740 ? 1_555 CYS A 745 ? 1_555 SG SG . . . None 'Disulfide bridge' 
# 
loop_
_struct_sheet.id 
_struct_sheet.type 
_struct_sheet.number_strands 
_struct_sheet.details 
A ? 4 ? 
B ? 3 ? 
# 
loop_
_struct_sheet_order.sheet_id 
_struct_sheet_order.range_id_1 
_struct_sheet_order.range_id_2 
_struct_sheet_order.offset 
_struct_sheet_order.sense 
A 1 2 ? parallel      
A 2 3 ? anti-parallel 
A 3 4 ? anti-parallel 
B 1 2 ? anti-parallel 
B 2 3 ? anti-parallel 
# 
loop_
_struct_sheet_range.sheet_id 
_struct_sheet_range.id 
_struct_sheet_range.beg_label_comp_id 
_struct_sheet_range.beg_label_asym_id 
_struct_sheet_range.beg_label_seq_id 
_struct_sheet_range.pdbx_beg_PDB_ins_code 
_struct_sheet_range.end_label_comp_id 
_struct_sheet_range.end_label_asym_id 
_struct_sheet_range.end_label_seq_id 
_struct_sheet_range.pdbx_end_PDB_ins_code 
_struct_sheet_range.beg_auth_comp_id 
_struct_sheet_range.beg_auth_asym_id 
_struct_sheet_range.beg_auth_seq_id 
_struct_sheet_range.end_auth_comp_id 
_struct_sheet_range.end_auth_asym_id 
_struct_sheet_range.end_auth_seq_id 
A 1 GLN A 20 ? SER A 23 ? GLN A 676 SER A 679 
A 2 ALA A 90 ? GLU A 99 ? ALA A 746 GLU A 755 
A 3 GLY A 77 ? CYS A 84 ? GLY A 733 CYS A 740 
A 4 GLN A 41 ? LYS A 46 ? GLN A 697 LYS A 702 
B 1 ILE A 28 ? SER A 31 ? ILE A 684 SER A 687 
B 2 ASN A 65 ? ILE A 68 ? ASN A 721 ILE A 724 
B 3 ILE A 57 ? LYS A 60 ? ILE A 713 LYS A 716 
# 
loop_
_pdbx_struct_sheet_hbond.sheet_id 
_pdbx_struct_sheet_hbond.range_id_1 
_pdbx_struct_sheet_hbond.range_id_2 
_pdbx_struct_sheet_hbond.range_1_label_atom_id 
_pdbx_struct_sheet_hbond.range_1_label_comp_id 
_pdbx_struct_sheet_hbond.range_1_label_asym_id 
_pdbx_struct_sheet_hbond.range_1_label_seq_id 
_pdbx_struct_sheet_hbond.range_1_PDB_ins_code 
_pdbx_struct_sheet_hbond.range_1_auth_atom_id 
_pdbx_struct_sheet_hbond.range_1_auth_comp_id 
_pdbx_struct_sheet_hbond.range_1_auth_asym_id 
_pdbx_struct_sheet_hbond.range_1_auth_seq_id 
_pdbx_struct_sheet_hbond.range_2_label_atom_id 
_pdbx_struct_sheet_hbond.range_2_label_comp_id 
_pdbx_struct_sheet_hbond.range_2_label_asym_id 
_pdbx_struct_sheet_hbond.range_2_label_seq_id 
_pdbx_struct_sheet_hbond.range_2_PDB_ins_code 
_pdbx_struct_sheet_hbond.range_2_auth_atom_id 
_pdbx_struct_sheet_hbond.range_2_auth_comp_id 
_pdbx_struct_sheet_hbond.range_2_auth_asym_id 
_pdbx_struct_sheet_hbond.range_2_auth_seq_id 
A 1 2 N GLN A 20 ? N GLN A 676 O PHE A 95 ? O PHE A 751 
A 2 3 O ALA A 94 ? O ALA A 750 N TYR A 79 ? N TYR A 735 
A 3 4 O GLN A 82 ? O GLN A 738 N MET A 43 ? N MET A 699 
B 1 2 N VAL A 30 ? N VAL A 686 O LEU A 66 ? O LEU A 722 
B 2 3 O THR A 67 ? O THR A 723 N VAL A 58 ? N VAL A 714 
# 
_pdbx_entry_details.entry_id                   3KVQ 
_pdbx_entry_details.compound_details           ? 
_pdbx_entry_details.source_details             ? 
_pdbx_entry_details.nonpolymer_details         ? 
_pdbx_entry_details.sequence_details           ? 
_pdbx_entry_details.has_ligand_of_interest     ? 
_pdbx_entry_details.has_protein_modification   Y 
# 
_pdbx_validate_close_contact.id               1 
_pdbx_validate_close_contact.PDB_model_num    1 
_pdbx_validate_close_contact.auth_atom_id_1   O 
_pdbx_validate_close_contact.auth_asym_id_1   A 
_pdbx_validate_close_contact.auth_comp_id_1   HOH 
_pdbx_validate_close_contact.auth_seq_id_1    21 
_pdbx_validate_close_contact.PDB_ins_code_1   ? 
_pdbx_validate_close_contact.label_alt_id_1   ? 
_pdbx_validate_close_contact.auth_atom_id_2   O 
_pdbx_validate_close_contact.auth_asym_id_2   A 
_pdbx_validate_close_contact.auth_comp_id_2   HOH 
_pdbx_validate_close_contact.auth_seq_id_2    22 
_pdbx_validate_close_contact.PDB_ins_code_2   ? 
_pdbx_validate_close_contact.label_alt_id_2   ? 
_pdbx_validate_close_contact.dist             2.11 
# 
_pdbx_validate_rmsd_bond.id                        1 
_pdbx_validate_rmsd_bond.PDB_model_num             1 
_pdbx_validate_rmsd_bond.auth_atom_id_1            CB 
_pdbx_validate_rmsd_bond.auth_asym_id_1            A 
_pdbx_validate_rmsd_bond.auth_comp_id_1            CYS 
_pdbx_validate_rmsd_bond.auth_seq_id_1             737 
_pdbx_validate_rmsd_bond.PDB_ins_code_1            ? 
_pdbx_validate_rmsd_bond.label_alt_id_1            ? 
_pdbx_validate_rmsd_bond.auth_atom_id_2            SG 
_pdbx_validate_rmsd_bond.auth_asym_id_2            A 
_pdbx_validate_rmsd_bond.auth_comp_id_2            CYS 
_pdbx_validate_rmsd_bond.auth_seq_id_2             737 
_pdbx_validate_rmsd_bond.PDB_ins_code_2            ? 
_pdbx_validate_rmsd_bond.label_alt_id_2            ? 
_pdbx_validate_rmsd_bond.bond_value                1.657 
_pdbx_validate_rmsd_bond.bond_target_value         1.812 
_pdbx_validate_rmsd_bond.bond_deviation            -0.155 
_pdbx_validate_rmsd_bond.bond_standard_deviation   0.016 
_pdbx_validate_rmsd_bond.linker_flag               N 
# 
loop_
_pdbx_validate_rmsd_angle.id 
_pdbx_validate_rmsd_angle.PDB_model_num 
_pdbx_validate_rmsd_angle.auth_atom_id_1 
_pdbx_validate_rmsd_angle.auth_asym_id_1 
_pdbx_validate_rmsd_angle.auth_comp_id_1 
_pdbx_validate_rmsd_angle.auth_seq_id_1 
_pdbx_validate_rmsd_angle.PDB_ins_code_1 
_pdbx_validate_rmsd_angle.label_alt_id_1 
_pdbx_validate_rmsd_angle.auth_atom_id_2 
_pdbx_validate_rmsd_angle.auth_asym_id_2 
_pdbx_validate_rmsd_angle.auth_comp_id_2 
_pdbx_validate_rmsd_angle.auth_seq_id_2 
_pdbx_validate_rmsd_angle.PDB_ins_code_2 
_pdbx_validate_rmsd_angle.label_alt_id_2 
_pdbx_validate_rmsd_angle.auth_atom_id_3 
_pdbx_validate_rmsd_angle.auth_asym_id_3 
_pdbx_validate_rmsd_angle.auth_comp_id_3 
_pdbx_validate_rmsd_angle.auth_seq_id_3 
_pdbx_validate_rmsd_angle.PDB_ins_code_3 
_pdbx_validate_rmsd_angle.label_alt_id_3 
_pdbx_validate_rmsd_angle.angle_value 
_pdbx_validate_rmsd_angle.angle_target_value 
_pdbx_validate_rmsd_angle.angle_deviation 
_pdbx_validate_rmsd_angle.angle_standard_deviation 
_pdbx_validate_rmsd_angle.linker_flag 
1 1 CB A ASP 710 ? ? CG A ASP 710 ? ? OD2 A ASP 710 ? ? 123.94 118.30 5.64  0.90 N 
2 1 NE A ARG 720 ? ? CZ A ARG 720 ? ? NH2 A ARG 720 ? ? 117.02 120.30 -3.28 0.50 N 
# 
loop_
_pdbx_validate_torsion.id 
_pdbx_validate_torsion.PDB_model_num 
_pdbx_validate_torsion.auth_comp_id 
_pdbx_validate_torsion.auth_asym_id 
_pdbx_validate_torsion.auth_seq_id 
_pdbx_validate_torsion.PDB_ins_code 
_pdbx_validate_torsion.label_alt_id 
_pdbx_validate_torsion.phi 
_pdbx_validate_torsion.psi 
1 1 ASN A 672 ? ? -62.98 42.72   
2 1 ASP A 717 ? ? 60.97  66.43   
3 1 GLU A 730 ? ? -53.03 -4.85   
4 1 GLU A 755 ? ? -69.32 -176.65 
# 
loop_
_pdbx_unobs_or_zero_occ_residues.id 
_pdbx_unobs_or_zero_occ_residues.PDB_model_num 
_pdbx_unobs_or_zero_occ_residues.polymer_flag 
_pdbx_unobs_or_zero_occ_residues.occupancy_flag 
_pdbx_unobs_or_zero_occ_residues.auth_asym_id 
_pdbx_unobs_or_zero_occ_residues.auth_comp_id 
_pdbx_unobs_or_zero_occ_residues.auth_seq_id 
_pdbx_unobs_or_zero_occ_residues.PDB_ins_code 
_pdbx_unobs_or_zero_occ_residues.label_asym_id 
_pdbx_unobs_or_zero_occ_residues.label_comp_id 
_pdbx_unobs_or_zero_occ_residues.label_seq_id 
1  1 Y 1 A ARG 657 ? A ARG 1   
2  1 Y 1 A GLN 658 ? A GLN 2   
3  1 Y 1 A LEU 659 ? A LEU 3   
4  1 Y 1 A THR 660 ? A THR 4   
5  1 Y 1 A VAL 661 ? A VAL 5   
6  1 Y 1 A LEU 662 ? A LEU 6   
7  1 Y 1 A GLU 663 ? A GLU 7   
8  1 Y 1 A ARG 664 ? A ARG 8   
9  1 Y 1 A VAL 665 ? A VAL 9   
10 1 Y 1 A ALA 666 ? A ALA 10  
11 1 Y 1 A GLY 692 ? A GLY 36  
12 1 Y 1 A ASN 693 ? A ASN 37  
13 1 Y 1 A PRO 694 ? A PRO 38  
14 1 Y 1 A PRO 695 ? A PRO 39  
15 1 Y 1 A SER 741 ? A SER 85  
16 1 Y 1 A VAL 742 ? A VAL 86  
17 1 Y 1 A LEU 743 ? A LEU 87  
18 1 Y 1 A GLY 744 ? A GLY 88  
19 1 Y 1 A ALA 757 ? A ALA 101 
20 1 Y 1 A GLN 758 ? A GLN 102 
21 1 Y 1 A GLU 759 ? A GLU 103 
22 1 Y 1 A LYS 760 ? A LYS 104 
23 1 Y 1 A THR 761 ? A THR 105 
24 1 Y 1 A ASN 762 ? A ASN 106 
25 1 Y 1 A LEU 763 ? A LEU 107 
26 1 Y 1 A GLU 764 ? A GLU 108 
# 
loop_
_chem_comp_atom.comp_id 
_chem_comp_atom.atom_id 
_chem_comp_atom.type_symbol 
_chem_comp_atom.pdbx_aromatic_flag 
_chem_comp_atom.pdbx_stereo_config 
_chem_comp_atom.pdbx_ordinal 
ALA N    N N N 1   
ALA CA   C N S 2   
ALA C    C N N 3   
ALA O    O N N 4   
ALA CB   C N N 5   
ALA OXT  O N N 6   
ALA H    H N N 7   
ALA H2   H N N 8   
ALA HA   H N N 9   
ALA HB1  H N N 10  
ALA HB2  H N N 11  
ALA HB3  H N N 12  
ALA HXT  H N N 13  
ARG N    N N N 14  
ARG CA   C N S 15  
ARG C    C N N 16  
ARG O    O N N 17  
ARG CB   C N N 18  
ARG CG   C N N 19  
ARG CD   C N N 20  
ARG NE   N N N 21  
ARG CZ   C N N 22  
ARG NH1  N N N 23  
ARG NH2  N N N 24  
ARG OXT  O N N 25  
ARG H    H N N 26  
ARG H2   H N N 27  
ARG HA   H N N 28  
ARG HB2  H N N 29  
ARG HB3  H N N 30  
ARG HG2  H N N 31  
ARG HG3  H N N 32  
ARG HD2  H N N 33  
ARG HD3  H N N 34  
ARG HE   H N N 35  
ARG HH11 H N N 36  
ARG HH12 H N N 37  
ARG HH21 H N N 38  
ARG HH22 H N N 39  
ARG HXT  H N N 40  
ASN N    N N N 41  
ASN CA   C N S 42  
ASN C    C N N 43  
ASN O    O N N 44  
ASN CB   C N N 45  
ASN CG   C N N 46  
ASN OD1  O N N 47  
ASN ND2  N N N 48  
ASN OXT  O N N 49  
ASN H    H N N 50  
ASN H2   H N N 51  
ASN HA   H N N 52  
ASN HB2  H N N 53  
ASN HB3  H N N 54  
ASN HD21 H N N 55  
ASN HD22 H N N 56  
ASN HXT  H N N 57  
ASP N    N N N 58  
ASP CA   C N S 59  
ASP C    C N N 60  
ASP O    O N N 61  
ASP CB   C N N 62  
ASP CG   C N N 63  
ASP OD1  O N N 64  
ASP OD2  O N N 65  
ASP OXT  O N N 66  
ASP H    H N N 67  
ASP H2   H N N 68  
ASP HA   H N N 69  
ASP HB2  H N N 70  
ASP HB3  H N N 71  
ASP HD2  H N N 72  
ASP HXT  H N N 73  
CYS N    N N N 74  
CYS CA   C N R 75  
CYS C    C N N 76  
CYS O    O N N 77  
CYS CB   C N N 78  
CYS SG   S N N 79  
CYS OXT  O N N 80  
CYS H    H N N 81  
CYS H2   H N N 82  
CYS HA   H N N 83  
CYS HB2  H N N 84  
CYS HB3  H N N 85  
CYS HG   H N N 86  
CYS HXT  H N N 87  
GLN N    N N N 88  
GLN CA   C N S 89  
GLN C    C N N 90  
GLN O    O N N 91  
GLN CB   C N N 92  
GLN CG   C N N 93  
GLN CD   C N N 94  
GLN OE1  O N N 95  
GLN NE2  N N N 96  
GLN OXT  O N N 97  
GLN H    H N N 98  
GLN H2   H N N 99  
GLN HA   H N N 100 
GLN HB2  H N N 101 
GLN HB3  H N N 102 
GLN HG2  H N N 103 
GLN HG3  H N N 104 
GLN HE21 H N N 105 
GLN HE22 H N N 106 
GLN HXT  H N N 107 
GLU N    N N N 108 
GLU CA   C N S 109 
GLU C    C N N 110 
GLU O    O N N 111 
GLU CB   C N N 112 
GLU CG   C N N 113 
GLU CD   C N N 114 
GLU OE1  O N N 115 
GLU OE2  O N N 116 
GLU OXT  O N N 117 
GLU H    H N N 118 
GLU H2   H N N 119 
GLU HA   H N N 120 
GLU HB2  H N N 121 
GLU HB3  H N N 122 
GLU HG2  H N N 123 
GLU HG3  H N N 124 
GLU HE2  H N N 125 
GLU HXT  H N N 126 
GLY N    N N N 127 
GLY CA   C N N 128 
GLY C    C N N 129 
GLY O    O N N 130 
GLY OXT  O N N 131 
GLY H    H N N 132 
GLY H2   H N N 133 
GLY HA2  H N N 134 
GLY HA3  H N N 135 
GLY HXT  H N N 136 
HOH O    O N N 137 
HOH H1   H N N 138 
HOH H2   H N N 139 
ILE N    N N N 140 
ILE CA   C N S 141 
ILE C    C N N 142 
ILE O    O N N 143 
ILE CB   C N S 144 
ILE CG1  C N N 145 
ILE CG2  C N N 146 
ILE CD1  C N N 147 
ILE OXT  O N N 148 
ILE H    H N N 149 
ILE H2   H N N 150 
ILE HA   H N N 151 
ILE HB   H N N 152 
ILE HG12 H N N 153 
ILE HG13 H N N 154 
ILE HG21 H N N 155 
ILE HG22 H N N 156 
ILE HG23 H N N 157 
ILE HD11 H N N 158 
ILE HD12 H N N 159 
ILE HD13 H N N 160 
ILE HXT  H N N 161 
LEU N    N N N 162 
LEU CA   C N S 163 
LEU C    C N N 164 
LEU O    O N N 165 
LEU CB   C N N 166 
LEU CG   C N N 167 
LEU CD1  C N N 168 
LEU CD2  C N N 169 
LEU OXT  O N N 170 
LEU H    H N N 171 
LEU H2   H N N 172 
LEU HA   H N N 173 
LEU HB2  H N N 174 
LEU HB3  H N N 175 
LEU HG   H N N 176 
LEU HD11 H N N 177 
LEU HD12 H N N 178 
LEU HD13 H N N 179 
LEU HD21 H N N 180 
LEU HD22 H N N 181 
LEU HD23 H N N 182 
LEU HXT  H N N 183 
LYS N    N N N 184 
LYS CA   C N S 185 
LYS C    C N N 186 
LYS O    O N N 187 
LYS CB   C N N 188 
LYS CG   C N N 189 
LYS CD   C N N 190 
LYS CE   C N N 191 
LYS NZ   N N N 192 
LYS OXT  O N N 193 
LYS H    H N N 194 
LYS H2   H N N 195 
LYS HA   H N N 196 
LYS HB2  H N N 197 
LYS HB3  H N N 198 
LYS HG2  H N N 199 
LYS HG3  H N N 200 
LYS HD2  H N N 201 
LYS HD3  H N N 202 
LYS HE2  H N N 203 
LYS HE3  H N N 204 
LYS HZ1  H N N 205 
LYS HZ2  H N N 206 
LYS HZ3  H N N 207 
LYS HXT  H N N 208 
MET N    N N N 209 
MET CA   C N S 210 
MET C    C N N 211 
MET O    O N N 212 
MET CB   C N N 213 
MET CG   C N N 214 
MET SD   S N N 215 
MET CE   C N N 216 
MET OXT  O N N 217 
MET H    H N N 218 
MET H2   H N N 219 
MET HA   H N N 220 
MET HB2  H N N 221 
MET HB3  H N N 222 
MET HG2  H N N 223 
MET HG3  H N N 224 
MET HE1  H N N 225 
MET HE2  H N N 226 
MET HE3  H N N 227 
MET HXT  H N N 228 
PHE N    N N N 229 
PHE CA   C N S 230 
PHE C    C N N 231 
PHE O    O N N 232 
PHE CB   C N N 233 
PHE CG   C Y N 234 
PHE CD1  C Y N 235 
PHE CD2  C Y N 236 
PHE CE1  C Y N 237 
PHE CE2  C Y N 238 
PHE CZ   C Y N 239 
PHE OXT  O N N 240 
PHE H    H N N 241 
PHE H2   H N N 242 
PHE HA   H N N 243 
PHE HB2  H N N 244 
PHE HB3  H N N 245 
PHE HD1  H N N 246 
PHE HD2  H N N 247 
PHE HE1  H N N 248 
PHE HE2  H N N 249 
PHE HZ   H N N 250 
PHE HXT  H N N 251 
PRO N    N N N 252 
PRO CA   C N S 253 
PRO C    C N N 254 
PRO O    O N N 255 
PRO CB   C N N 256 
PRO CG   C N N 257 
PRO CD   C N N 258 
PRO OXT  O N N 259 
PRO H    H N N 260 
PRO HA   H N N 261 
PRO HB2  H N N 262 
PRO HB3  H N N 263 
PRO HG2  H N N 264 
PRO HG3  H N N 265 
PRO HD2  H N N 266 
PRO HD3  H N N 267 
PRO HXT  H N N 268 
SER N    N N N 269 
SER CA   C N S 270 
SER C    C N N 271 
SER O    O N N 272 
SER CB   C N N 273 
SER OG   O N N 274 
SER OXT  O N N 275 
SER H    H N N 276 
SER H2   H N N 277 
SER HA   H N N 278 
SER HB2  H N N 279 
SER HB3  H N N 280 
SER HG   H N N 281 
SER HXT  H N N 282 
THR N    N N N 283 
THR CA   C N S 284 
THR C    C N N 285 
THR O    O N N 286 
THR CB   C N R 287 
THR OG1  O N N 288 
THR CG2  C N N 289 
THR OXT  O N N 290 
THR H    H N N 291 
THR H2   H N N 292 
THR HA   H N N 293 
THR HB   H N N 294 
THR HG1  H N N 295 
THR HG21 H N N 296 
THR HG22 H N N 297 
THR HG23 H N N 298 
THR HXT  H N N 299 
TRP N    N N N 300 
TRP CA   C N S 301 
TRP C    C N N 302 
TRP O    O N N 303 
TRP CB   C N N 304 
TRP CG   C Y N 305 
TRP CD1  C Y N 306 
TRP CD2  C Y N 307 
TRP NE1  N Y N 308 
TRP CE2  C Y N 309 
TRP CE3  C Y N 310 
TRP CZ2  C Y N 311 
TRP CZ3  C Y N 312 
TRP CH2  C Y N 313 
TRP OXT  O N N 314 
TRP H    H N N 315 
TRP H2   H N N 316 
TRP HA   H N N 317 
TRP HB2  H N N 318 
TRP HB3  H N N 319 
TRP HD1  H N N 320 
TRP HE1  H N N 321 
TRP HE3  H N N 322 
TRP HZ2  H N N 323 
TRP HZ3  H N N 324 
TRP HH2  H N N 325 
TRP HXT  H N N 326 
TYR N    N N N 327 
TYR CA   C N S 328 
TYR C    C N N 329 
TYR O    O N N 330 
TYR CB   C N N 331 
TYR CG   C Y N 332 
TYR CD1  C Y N 333 
TYR CD2  C Y N 334 
TYR CE1  C Y N 335 
TYR CE2  C Y N 336 
TYR CZ   C Y N 337 
TYR OH   O N N 338 
TYR OXT  O N N 339 
TYR H    H N N 340 
TYR H2   H N N 341 
TYR HA   H N N 342 
TYR HB2  H N N 343 
TYR HB3  H N N 344 
TYR HD1  H N N 345 
TYR HD2  H N N 346 
TYR HE1  H N N 347 
TYR HE2  H N N 348 
TYR HH   H N N 349 
TYR HXT  H N N 350 
VAL N    N N N 351 
VAL CA   C N S 352 
VAL C    C N N 353 
VAL O    O N N 354 
VAL CB   C N N 355 
VAL CG1  C N N 356 
VAL CG2  C N N 357 
VAL OXT  O N N 358 
VAL H    H N N 359 
VAL H2   H N N 360 
VAL HA   H N N 361 
VAL HB   H N N 362 
VAL HG11 H N N 363 
VAL HG12 H N N 364 
VAL HG13 H N N 365 
VAL HG21 H N N 366 
VAL HG22 H N N 367 
VAL HG23 H N N 368 
VAL HXT  H N N 369 
# 
loop_
_chem_comp_bond.comp_id 
_chem_comp_bond.atom_id_1 
_chem_comp_bond.atom_id_2 
_chem_comp_bond.value_order 
_chem_comp_bond.pdbx_aromatic_flag 
_chem_comp_bond.pdbx_stereo_config 
_chem_comp_bond.pdbx_ordinal 
ALA N   CA   sing N N 1   
ALA N   H    sing N N 2   
ALA N   H2   sing N N 3   
ALA CA  C    sing N N 4   
ALA CA  CB   sing N N 5   
ALA CA  HA   sing N N 6   
ALA C   O    doub N N 7   
ALA C   OXT  sing N N 8   
ALA CB  HB1  sing N N 9   
ALA CB  HB2  sing N N 10  
ALA CB  HB3  sing N N 11  
ALA OXT HXT  sing N N 12  
ARG N   CA   sing N N 13  
ARG N   H    sing N N 14  
ARG N   H2   sing N N 15  
ARG CA  C    sing N N 16  
ARG CA  CB   sing N N 17  
ARG CA  HA   sing N N 18  
ARG C   O    doub N N 19  
ARG C   OXT  sing N N 20  
ARG CB  CG   sing N N 21  
ARG CB  HB2  sing N N 22  
ARG CB  HB3  sing N N 23  
ARG CG  CD   sing N N 24  
ARG CG  HG2  sing N N 25  
ARG CG  HG3  sing N N 26  
ARG CD  NE   sing N N 27  
ARG CD  HD2  sing N N 28  
ARG CD  HD3  sing N N 29  
ARG NE  CZ   sing N N 30  
ARG NE  HE   sing N N 31  
ARG CZ  NH1  sing N N 32  
ARG CZ  NH2  doub N N 33  
ARG NH1 HH11 sing N N 34  
ARG NH1 HH12 sing N N 35  
ARG NH2 HH21 sing N N 36  
ARG NH2 HH22 sing N N 37  
ARG OXT HXT  sing N N 38  
ASN N   CA   sing N N 39  
ASN N   H    sing N N 40  
ASN N   H2   sing N N 41  
ASN CA  C    sing N N 42  
ASN CA  CB   sing N N 43  
ASN CA  HA   sing N N 44  
ASN C   O    doub N N 45  
ASN C   OXT  sing N N 46  
ASN CB  CG   sing N N 47  
ASN CB  HB2  sing N N 48  
ASN CB  HB3  sing N N 49  
ASN CG  OD1  doub N N 50  
ASN CG  ND2  sing N N 51  
ASN ND2 HD21 sing N N 52  
ASN ND2 HD22 sing N N 53  
ASN OXT HXT  sing N N 54  
ASP N   CA   sing N N 55  
ASP N   H    sing N N 56  
ASP N   H2   sing N N 57  
ASP CA  C    sing N N 58  
ASP CA  CB   sing N N 59  
ASP CA  HA   sing N N 60  
ASP C   O    doub N N 61  
ASP C   OXT  sing N N 62  
ASP CB  CG   sing N N 63  
ASP CB  HB2  sing N N 64  
ASP CB  HB3  sing N N 65  
ASP CG  OD1  doub N N 66  
ASP CG  OD2  sing N N 67  
ASP OD2 HD2  sing N N 68  
ASP OXT HXT  sing N N 69  
CYS N   CA   sing N N 70  
CYS N   H    sing N N 71  
CYS N   H2   sing N N 72  
CYS CA  C    sing N N 73  
CYS CA  CB   sing N N 74  
CYS CA  HA   sing N N 75  
CYS C   O    doub N N 76  
CYS C   OXT  sing N N 77  
CYS CB  SG   sing N N 78  
CYS CB  HB2  sing N N 79  
CYS CB  HB3  sing N N 80  
CYS SG  HG   sing N N 81  
CYS OXT HXT  sing N N 82  
GLN N   CA   sing N N 83  
GLN N   H    sing N N 84  
GLN N   H2   sing N N 85  
GLN CA  C    sing N N 86  
GLN CA  CB   sing N N 87  
GLN CA  HA   sing N N 88  
GLN C   O    doub N N 89  
GLN C   OXT  sing N N 90  
GLN CB  CG   sing N N 91  
GLN CB  HB2  sing N N 92  
GLN CB  HB3  sing N N 93  
GLN CG  CD   sing N N 94  
GLN CG  HG2  sing N N 95  
GLN CG  HG3  sing N N 96  
GLN CD  OE1  doub N N 97  
GLN CD  NE2  sing N N 98  
GLN NE2 HE21 sing N N 99  
GLN NE2 HE22 sing N N 100 
GLN OXT HXT  sing N N 101 
GLU N   CA   sing N N 102 
GLU N   H    sing N N 103 
GLU N   H2   sing N N 104 
GLU CA  C    sing N N 105 
GLU CA  CB   sing N N 106 
GLU CA  HA   sing N N 107 
GLU C   O    doub N N 108 
GLU C   OXT  sing N N 109 
GLU CB  CG   sing N N 110 
GLU CB  HB2  sing N N 111 
GLU CB  HB3  sing N N 112 
GLU CG  CD   sing N N 113 
GLU CG  HG2  sing N N 114 
GLU CG  HG3  sing N N 115 
GLU CD  OE1  doub N N 116 
GLU CD  OE2  sing N N 117 
GLU OE2 HE2  sing N N 118 
GLU OXT HXT  sing N N 119 
GLY N   CA   sing N N 120 
GLY N   H    sing N N 121 
GLY N   H2   sing N N 122 
GLY CA  C    sing N N 123 
GLY CA  HA2  sing N N 124 
GLY CA  HA3  sing N N 125 
GLY C   O    doub N N 126 
GLY C   OXT  sing N N 127 
GLY OXT HXT  sing N N 128 
HOH O   H1   sing N N 129 
HOH O   H2   sing N N 130 
ILE N   CA   sing N N 131 
ILE N   H    sing N N 132 
ILE N   H2   sing N N 133 
ILE CA  C    sing N N 134 
ILE CA  CB   sing N N 135 
ILE CA  HA   sing N N 136 
ILE C   O    doub N N 137 
ILE C   OXT  sing N N 138 
ILE CB  CG1  sing N N 139 
ILE CB  CG2  sing N N 140 
ILE CB  HB   sing N N 141 
ILE CG1 CD1  sing N N 142 
ILE CG1 HG12 sing N N 143 
ILE CG1 HG13 sing N N 144 
ILE CG2 HG21 sing N N 145 
ILE CG2 HG22 sing N N 146 
ILE CG2 HG23 sing N N 147 
ILE CD1 HD11 sing N N 148 
ILE CD1 HD12 sing N N 149 
ILE CD1 HD13 sing N N 150 
ILE OXT HXT  sing N N 151 
LEU N   CA   sing N N 152 
LEU N   H    sing N N 153 
LEU N   H2   sing N N 154 
LEU CA  C    sing N N 155 
LEU CA  CB   sing N N 156 
LEU CA  HA   sing N N 157 
LEU C   O    doub N N 158 
LEU C   OXT  sing N N 159 
LEU CB  CG   sing N N 160 
LEU CB  HB2  sing N N 161 
LEU CB  HB3  sing N N 162 
LEU CG  CD1  sing N N 163 
LEU CG  CD2  sing N N 164 
LEU CG  HG   sing N N 165 
LEU CD1 HD11 sing N N 166 
LEU CD1 HD12 sing N N 167 
LEU CD1 HD13 sing N N 168 
LEU CD2 HD21 sing N N 169 
LEU CD2 HD22 sing N N 170 
LEU CD2 HD23 sing N N 171 
LEU OXT HXT  sing N N 172 
LYS N   CA   sing N N 173 
LYS N   H    sing N N 174 
LYS N   H2   sing N N 175 
LYS CA  C    sing N N 176 
LYS CA  CB   sing N N 177 
LYS CA  HA   sing N N 178 
LYS C   O    doub N N 179 
LYS C   OXT  sing N N 180 
LYS CB  CG   sing N N 181 
LYS CB  HB2  sing N N 182 
LYS CB  HB3  sing N N 183 
LYS CG  CD   sing N N 184 
LYS CG  HG2  sing N N 185 
LYS CG  HG3  sing N N 186 
LYS CD  CE   sing N N 187 
LYS CD  HD2  sing N N 188 
LYS CD  HD3  sing N N 189 
LYS CE  NZ   sing N N 190 
LYS CE  HE2  sing N N 191 
LYS CE  HE3  sing N N 192 
LYS NZ  HZ1  sing N N 193 
LYS NZ  HZ2  sing N N 194 
LYS NZ  HZ3  sing N N 195 
LYS OXT HXT  sing N N 196 
MET N   CA   sing N N 197 
MET N   H    sing N N 198 
MET N   H2   sing N N 199 
MET CA  C    sing N N 200 
MET CA  CB   sing N N 201 
MET CA  HA   sing N N 202 
MET C   O    doub N N 203 
MET C   OXT  sing N N 204 
MET CB  CG   sing N N 205 
MET CB  HB2  sing N N 206 
MET CB  HB3  sing N N 207 
MET CG  SD   sing N N 208 
MET CG  HG2  sing N N 209 
MET CG  HG3  sing N N 210 
MET SD  CE   sing N N 211 
MET CE  HE1  sing N N 212 
MET CE  HE2  sing N N 213 
MET CE  HE3  sing N N 214 
MET OXT HXT  sing N N 215 
PHE N   CA   sing N N 216 
PHE N   H    sing N N 217 
PHE N   H2   sing N N 218 
PHE CA  C    sing N N 219 
PHE CA  CB   sing N N 220 
PHE CA  HA   sing N N 221 
PHE C   O    doub N N 222 
PHE C   OXT  sing N N 223 
PHE CB  CG   sing N N 224 
PHE CB  HB2  sing N N 225 
PHE CB  HB3  sing N N 226 
PHE CG  CD1  doub Y N 227 
PHE CG  CD2  sing Y N 228 
PHE CD1 CE1  sing Y N 229 
PHE CD1 HD1  sing N N 230 
PHE CD2 CE2  doub Y N 231 
PHE CD2 HD2  sing N N 232 
PHE CE1 CZ   doub Y N 233 
PHE CE1 HE1  sing N N 234 
PHE CE2 CZ   sing Y N 235 
PHE CE2 HE2  sing N N 236 
PHE CZ  HZ   sing N N 237 
PHE OXT HXT  sing N N 238 
PRO N   CA   sing N N 239 
PRO N   CD   sing N N 240 
PRO N   H    sing N N 241 
PRO CA  C    sing N N 242 
PRO CA  CB   sing N N 243 
PRO CA  HA   sing N N 244 
PRO C   O    doub N N 245 
PRO C   OXT  sing N N 246 
PRO CB  CG   sing N N 247 
PRO CB  HB2  sing N N 248 
PRO CB  HB3  sing N N 249 
PRO CG  CD   sing N N 250 
PRO CG  HG2  sing N N 251 
PRO CG  HG3  sing N N 252 
PRO CD  HD2  sing N N 253 
PRO CD  HD3  sing N N 254 
PRO OXT HXT  sing N N 255 
SER N   CA   sing N N 256 
SER N   H    sing N N 257 
SER N   H2   sing N N 258 
SER CA  C    sing N N 259 
SER CA  CB   sing N N 260 
SER CA  HA   sing N N 261 
SER C   O    doub N N 262 
SER C   OXT  sing N N 263 
SER CB  OG   sing N N 264 
SER CB  HB2  sing N N 265 
SER CB  HB3  sing N N 266 
SER OG  HG   sing N N 267 
SER OXT HXT  sing N N 268 
THR N   CA   sing N N 269 
THR N   H    sing N N 270 
THR N   H2   sing N N 271 
THR CA  C    sing N N 272 
THR CA  CB   sing N N 273 
THR CA  HA   sing N N 274 
THR C   O    doub N N 275 
THR C   OXT  sing N N 276 
THR CB  OG1  sing N N 277 
THR CB  CG2  sing N N 278 
THR CB  HB   sing N N 279 
THR OG1 HG1  sing N N 280 
THR CG2 HG21 sing N N 281 
THR CG2 HG22 sing N N 282 
THR CG2 HG23 sing N N 283 
THR OXT HXT  sing N N 284 
TRP N   CA   sing N N 285 
TRP N   H    sing N N 286 
TRP N   H2   sing N N 287 
TRP CA  C    sing N N 288 
TRP CA  CB   sing N N 289 
TRP CA  HA   sing N N 290 
TRP C   O    doub N N 291 
TRP C   OXT  sing N N 292 
TRP CB  CG   sing N N 293 
TRP CB  HB2  sing N N 294 
TRP CB  HB3  sing N N 295 
TRP CG  CD1  doub Y N 296 
TRP CG  CD2  sing Y N 297 
TRP CD1 NE1  sing Y N 298 
TRP CD1 HD1  sing N N 299 
TRP CD2 CE2  doub Y N 300 
TRP CD2 CE3  sing Y N 301 
TRP NE1 CE2  sing Y N 302 
TRP NE1 HE1  sing N N 303 
TRP CE2 CZ2  sing Y N 304 
TRP CE3 CZ3  doub Y N 305 
TRP CE3 HE3  sing N N 306 
TRP CZ2 CH2  doub Y N 307 
TRP CZ2 HZ2  sing N N 308 
TRP CZ3 CH2  sing Y N 309 
TRP CZ3 HZ3  sing N N 310 
TRP CH2 HH2  sing N N 311 
TRP OXT HXT  sing N N 312 
TYR N   CA   sing N N 313 
TYR N   H    sing N N 314 
TYR N   H2   sing N N 315 
TYR CA  C    sing N N 316 
TYR CA  CB   sing N N 317 
TYR CA  HA   sing N N 318 
TYR C   O    doub N N 319 
TYR C   OXT  sing N N 320 
TYR CB  CG   sing N N 321 
TYR CB  HB2  sing N N 322 
TYR CB  HB3  sing N N 323 
TYR CG  CD1  doub Y N 324 
TYR CG  CD2  sing Y N 325 
TYR CD1 CE1  sing Y N 326 
TYR CD1 HD1  sing N N 327 
TYR CD2 CE2  doub Y N 328 
TYR CD2 HD2  sing N N 329 
TYR CE1 CZ   doub Y N 330 
TYR CE1 HE1  sing N N 331 
TYR CE2 CZ   sing Y N 332 
TYR CE2 HE2  sing N N 333 
TYR CZ  OH   sing N N 334 
TYR OH  HH   sing N N 335 
TYR OXT HXT  sing N N 336 
VAL N   CA   sing N N 337 
VAL N   H    sing N N 338 
VAL N   H2   sing N N 339 
VAL CA  C    sing N N 340 
VAL CA  CB   sing N N 341 
VAL CA  HA   sing N N 342 
VAL C   O    doub N N 343 
VAL C   OXT  sing N N 344 
VAL CB  CG1  sing N N 345 
VAL CB  CG2  sing N N 346 
VAL CB  HB   sing N N 347 
VAL CG1 HG11 sing N N 348 
VAL CG1 HG12 sing N N 349 
VAL CG1 HG13 sing N N 350 
VAL CG2 HG21 sing N N 351 
VAL CG2 HG22 sing N N 352 
VAL CG2 HG23 sing N N 353 
VAL OXT HXT  sing N N 354 
# 
loop_
_pdbx_initial_refinement_model.id 
_pdbx_initial_refinement_model.entity_id_list 
_pdbx_initial_refinement_model.type 
_pdbx_initial_refinement_model.source_name 
_pdbx_initial_refinement_model.accession_code 
_pdbx_initial_refinement_model.details 
1 ? 'experimental model' PDB 2IEP 'PDB entries 2IEP, 1TLK, 2E9W' 
2 ? 'experimental model' PDB 1TLK 'PDB entries 2IEP, 1TLK, 2E9W' 
3 ? 'experimental model' PDB 2E9W 'PDB entries 2IEP, 1TLK, 2E9W' 
# 
_atom_sites.entry_id                    3KVQ 
_atom_sites.fract_transf_matrix[1][1]   0.01016927 
_atom_sites.fract_transf_matrix[1][2]   -0.00731879 
_atom_sites.fract_transf_matrix[1][3]   -0.02201662 
_atom_sites.fract_transf_matrix[2][1]   0.01102663 
_atom_sites.fract_transf_matrix[2][2]   0.00615101 
_atom_sites.fract_transf_matrix[2][3]   0.00304837 
_atom_sites.fract_transf_matrix[3][1]   0.00336932 
_atom_sites.fract_transf_matrix[3][2]   -0.00815472 
_atom_sites.fract_transf_matrix[3][3]   0.00426706 
_atom_sites.fract_transf_vector[1]      0.281797 
_atom_sites.fract_transf_vector[2]      0.396942 
_atom_sites.fract_transf_vector[3]      0.347896 
# 
loop_
_atom_type.symbol 
C 
N 
O 
S 
# 
loop_
_atom_site.group_PDB 
_atom_site.id 
_atom_site.type_symbol 
_atom_site.label_atom_id 
_atom_site.label_alt_id 
_atom_site.label_comp_id 
_atom_site.label_asym_id 
_atom_site.label_entity_id 
_atom_site.label_seq_id 
_atom_site.pdbx_PDB_ins_code 
_atom_site.Cartn_x 
_atom_site.Cartn_y 
_atom_site.Cartn_z 
_atom_site.occupancy 
_atom_site.B_iso_or_equiv 
_atom_site.pdbx_formal_charge 
_atom_site.auth_seq_id 
_atom_site.auth_comp_id 
_atom_site.auth_asym_id 
_atom_site.auth_atom_id 
_atom_site.pdbx_PDB_model_num 
ATOM   1   N N   . PRO A 1 11  ? 6.850   -3.578  16.091  1.00 53.04 ? 667 PRO A N   1 
ATOM   2   C CA  . PRO A 1 11  ? 7.400   -2.243  15.925  1.00 53.94 ? 667 PRO A CA  1 
ATOM   3   C C   . PRO A 1 11  ? 8.727   -2.228  15.173  1.00 55.25 ? 667 PRO A C   1 
ATOM   4   O O   . PRO A 1 11  ? 9.475   -1.242  15.254  1.00 57.09 ? 667 PRO A O   1 
ATOM   5   C CB  . PRO A 1 11  ? 7.537   -1.744  17.375  1.00 53.73 ? 667 PRO A CB  1 
ATOM   6   C CG  . PRO A 1 11  ? 6.257   -2.350  18.070  1.00 53.82 ? 667 PRO A CG  1 
ATOM   7   C CD  . PRO A 1 11  ? 5.907   -3.628  17.242  1.00 53.37 ? 667 PRO A CD  1 
ATOM   8   N N   . THR A 1 12  ? 9.015   -3.278  14.418  1.00 56.32 ? 668 THR A N   1 
ATOM   9   C CA  . THR A 1 12  ? 10.125  -3.172  13.459  1.00 57.66 ? 668 THR A CA  1 
ATOM   10  C C   . THR A 1 12  ? 9.736   -3.498  11.993  1.00 57.40 ? 668 THR A C   1 
ATOM   11  O O   . THR A 1 12  ? 9.973   -4.632  11.489  1.00 57.14 ? 668 THR A O   1 
ATOM   12  C CB  . THR A 1 12  ? 11.386  -3.952  13.967  1.00 58.95 ? 668 THR A CB  1 
ATOM   13  O OG1 . THR A 1 12  ? 12.058  -3.133  14.934  1.00 61.23 ? 668 THR A OG1 1 
ATOM   14  C CG2 . THR A 1 12  ? 12.407  -4.313  12.820  1.00 59.79 ? 668 THR A CG2 1 
ATOM   15  N N   . ILE A 1 13  ? 9.164   -2.500  11.303  1.00 55.56 ? 669 ILE A N   1 
ATOM   16  C CA  . ILE A 1 13  ? 8.704   -2.759  9.945   1.00 53.61 ? 669 ILE A CA  1 
ATOM   17  C C   . ILE A 1 13  ? 9.859   -2.793  8.986   1.00 53.73 ? 669 ILE A C   1 
ATOM   18  O O   . ILE A 1 13  ? 10.785  -2.026  9.118   1.00 54.08 ? 669 ILE A O   1 
ATOM   19  C CB  . ILE A 1 13  ? 7.685   -1.769  9.446   1.00 52.79 ? 669 ILE A CB  1 
ATOM   20  C CG1 . ILE A 1 13  ? 6.412   -1.876  10.273  1.00 51.02 ? 669 ILE A CG1 1 
ATOM   21  C CG2 . ILE A 1 13  ? 7.316   -2.121  8.003   1.00 53.22 ? 669 ILE A CG2 1 
ATOM   22  C CD1 . ILE A 1 13  ? 5.466   -0.718  10.124  1.00 44.01 ? 669 ILE A CD1 1 
ATOM   23  N N   . THR A 1 14  ? 9.797   -3.713  8.031   1.00 54.58 ? 670 THR A N   1 
ATOM   24  C CA  . THR A 1 14  ? 10.763  -3.803  6.938   1.00 55.79 ? 670 THR A CA  1 
ATOM   25  C C   . THR A 1 14  ? 9.954   -3.990  5.624   1.00 55.99 ? 670 THR A C   1 
ATOM   26  O O   . THR A 1 14  ? 8.723   -4.150  5.684   1.00 56.00 ? 670 THR A O   1 
ATOM   27  C CB  . THR A 1 14  ? 11.803  -4.938  7.207   1.00 56.60 ? 670 THR A CB  1 
ATOM   28  O OG1 . THR A 1 14  ? 11.299  -6.211  6.756   1.00 55.97 ? 670 THR A OG1 1 
ATOM   29  C CG2 . THR A 1 14  ? 12.135  -5.030  8.713   1.00 57.94 ? 670 THR A CG2 1 
ATOM   30  N N   . GLY A 1 15  ? 10.633  -3.938  4.467   1.00 56.32 ? 671 GLY A N   1 
ATOM   31  C CA  . GLY A 1 15  ? 9.992   -4.141  3.169   1.00 55.90 ? 671 GLY A CA  1 
ATOM   32  C C   . GLY A 1 15  ? 9.563   -2.893  2.397   1.00 56.18 ? 671 GLY A C   1 
ATOM   33  O O   . GLY A 1 15  ? 9.210   -1.845  2.981   1.00 56.22 ? 671 GLY A O   1 
ATOM   34  N N   . ASN A 1 16  ? 9.507   -3.072  1.075   1.00 54.90 ? 672 ASN A N   1 
ATOM   35  C CA  . ASN A 1 16  ? 9.494   -2.000  0.051   1.00 53.12 ? 672 ASN A CA  1 
ATOM   36  C C   . ASN A 1 16  ? 8.355   -0.952  -0.061  1.00 50.90 ? 672 ASN A C   1 
ATOM   37  O O   . ASN A 1 16  ? 7.935   -0.619  -1.194  1.00 50.57 ? 672 ASN A O   1 
ATOM   38  C CB  . ASN A 1 16  ? 9.626   -2.658  -1.330  1.00 52.33 ? 672 ASN A CB  1 
ATOM   39  C CG  . ASN A 1 16  ? 8.422   -3.550  -1.646  1.00 53.63 ? 672 ASN A CG  1 
ATOM   40  O OD1 . ASN A 1 16  ? 7.365   -3.477  -0.973  1.00 52.12 ? 672 ASN A OD1 1 
ATOM   41  N ND2 . ASN A 1 16  ? 8.569   -4.395  -2.654  1.00 50.64 ? 672 ASN A ND2 1 
ATOM   42  N N   . LEU A 1 17  ? 7.875   -0.402  1.053   1.00 48.54 ? 673 LEU A N   1 
ATOM   43  C CA  . LEU A 1 17  ? 6.961   0.720   0.924   1.00 45.90 ? 673 LEU A CA  1 
ATOM   44  C C   . LEU A 1 17  ? 7.753   2.005   0.694   1.00 46.63 ? 673 LEU A C   1 
ATOM   45  O O   . LEU A 1 17  ? 8.292   2.626   1.618   1.00 47.56 ? 673 LEU A O   1 
ATOM   46  C CB  . LEU A 1 17  ? 5.976   0.812   2.070   1.00 43.55 ? 673 LEU A CB  1 
ATOM   47  C CG  . LEU A 1 17  ? 4.783   1.710   1.790   1.00 39.92 ? 673 LEU A CG  1 
ATOM   48  C CD1 . LEU A 1 17  ? 3.942   1.298   0.579   1.00 38.18 ? 673 LEU A CD1 1 
ATOM   49  C CD2 . LEU A 1 17  ? 3.940   1.754   3.021   1.00 34.64 ? 673 LEU A CD2 1 
ATOM   50  N N   . GLU A 1 18  ? 7.843   2.385   -0.573  1.00 46.23 ? 674 GLU A N   1 
ATOM   51  C CA  . GLU A 1 18  ? 8.570   3.560   -0.935  1.00 44.60 ? 674 GLU A CA  1 
ATOM   52  C C   . GLU A 1 18  ? 7.742   4.346   -1.880  1.00 42.59 ? 674 GLU A C   1 
ATOM   53  O O   . GLU A 1 18  ? 6.914   3.772   -2.580  1.00 42.92 ? 674 GLU A O   1 
ATOM   54  C CB  . GLU A 1 18  ? 9.831   3.149   -1.627  1.00 44.29 ? 674 GLU A CB  1 
ATOM   55  C CG  . GLU A 1 18  ? 10.898  2.860   -0.642  1.00 50.42 ? 674 GLU A CG  1 
ATOM   56  C CD  . GLU A 1 18  ? 11.801  1.775   -1.175  1.00 60.89 ? 674 GLU A CD  1 
ATOM   57  O OE1 . GLU A 1 18  ? 11.747  1.537   -2.424  1.00 60.86 ? 674 GLU A OE1 1 
ATOM   58  O OE2 . GLU A 1 18  ? 12.529  1.141   -0.350  1.00 65.60 ? 674 GLU A OE2 1 
ATOM   59  N N   . ASN A 1 19  ? 7.981   5.656   -1.924  1.00 40.99 ? 675 ASN A N   1 
ATOM   60  C CA  . ASN A 1 19  ? 7.327   6.494   -2.912  1.00 40.35 ? 675 ASN A CA  1 
ATOM   61  C C   . ASN A 1 19  ? 7.461   5.936   -4.286  1.00 38.57 ? 675 ASN A C   1 
ATOM   62  O O   . ASN A 1 19  ? 8.486   5.315   -4.624  1.00 37.50 ? 675 ASN A O   1 
ATOM   63  C CB  . ASN A 1 19  ? 7.971   7.844   -2.939  1.00 41.98 ? 675 ASN A CB  1 
ATOM   64  C CG  . ASN A 1 19  ? 7.810   8.565   -1.659  1.00 43.03 ? 675 ASN A CG  1 
ATOM   65  O OD1 . ASN A 1 19  ? 6.804   8.412   -0.969  1.00 40.87 ? 675 ASN A OD1 1 
ATOM   66  N ND2 . ASN A 1 19  ? 8.803   9.367   -1.322  1.00 46.30 ? 675 ASN A ND2 1 
ATOM   67  N N   . GLN A 1 20  ? 6.440   6.144   -5.108  1.00 36.56 ? 676 GLN A N   1 
ATOM   68  C CA  . GLN A 1 20  ? 6.539   5.598   -6.448  1.00 34.05 ? 676 GLN A CA  1 
ATOM   69  C C   . GLN A 1 20  ? 5.498   5.963   -7.443  1.00 34.45 ? 676 GLN A C   1 
ATOM   70  O O   . GLN A 1 20  ? 4.349   6.255   -7.118  1.00 34.71 ? 676 GLN A O   1 
ATOM   71  C CB  . GLN A 1 20  ? 6.705   4.092   -6.420  1.00 32.68 ? 676 GLN A CB  1 
ATOM   72  C CG  . GLN A 1 20  ? 5.508   3.285   -5.953  1.00 32.96 ? 676 GLN A CG  1 
ATOM   73  C CD  . GLN A 1 20  ? 5.934   1.860   -5.792  1.00 35.13 ? 676 GLN A CD  1 
ATOM   74  O OE1 . GLN A 1 20  ? 6.531   1.528   -4.792  1.00 33.32 ? 676 GLN A OE1 1 
ATOM   75  N NE2 . GLN A 1 20  ? 5.740   1.026   -6.831  1.00 33.10 ? 676 GLN A NE2 1 
ATOM   76  N N   . THR A 1 21  ? 5.954   5.864   -8.682  1.00 34.21 ? 677 THR A N   1 
ATOM   77  C CA  . THR A 1 21  ? 5.254   6.326   -9.848  1.00 34.54 ? 677 THR A CA  1 
ATOM   78  C C   . THR A 1 21  ? 4.957   5.152   -10.739 1.00 32.37 ? 677 THR A C   1 
ATOM   79  O O   . THR A 1 21  ? 5.812   4.286   -10.951 1.00 29.64 ? 677 THR A O   1 
ATOM   80  C CB  . THR A 1 21  ? 6.208   7.175   -10.660 1.00 36.23 ? 677 THR A CB  1 
ATOM   81  O OG1 . THR A 1 21  ? 7.314   7.537   -9.803  1.00 42.68 ? 677 THR A OG1 1 
ATOM   82  C CG2 . THR A 1 21  ? 5.490   8.400   -11.285 1.00 34.45 ? 677 THR A CG2 1 
ATOM   83  N N   . THR A 1 22  ? 3.751   5.165   -11.289 1.00 31.05 ? 678 THR A N   1 
ATOM   84  C CA  . THR A 1 22  ? 3.268   4.085   -12.083 1.00 31.21 ? 678 THR A CA  1 
ATOM   85  C C   . THR A 1 22  ? 2.416   4.673   -13.162 1.00 31.45 ? 678 THR A C   1 
ATOM   86  O O   . THR A 1 22  ? 1.630   5.621   -12.932 1.00 29.61 ? 678 THR A O   1 
ATOM   87  C CB  . THR A 1 22  ? 2.322   3.159   -11.267 1.00 32.04 ? 678 THR A CB  1 
ATOM   88  O OG1 . THR A 1 22  ? 2.791   3.050   -9.930  1.00 34.54 ? 678 THR A OG1 1 
ATOM   89  C CG2 . THR A 1 22  ? 2.250   1.779   -11.846 1.00 29.42 ? 678 THR A CG2 1 
ATOM   90  N N   . SER A 1 23  ? 2.519   4.035   -14.323 1.00 30.40 ? 679 SER A N   1 
ATOM   91  C CA  . SER A 1 23  ? 1.692   4.414   -15.444 1.00 30.88 ? 679 SER A CA  1 
ATOM   92  C C   . SER A 1 23  ? 0.353   3.793   -15.239 1.00 29.72 ? 679 SER A C   1 
ATOM   93  O O   . SER A 1 23  ? 0.243   2.644   -14.828 1.00 30.04 ? 679 SER A O   1 
ATOM   94  C CB  . SER A 1 23  ? 2.297   3.955   -16.790 1.00 31.43 ? 679 SER A CB  1 
ATOM   95  O OG  . SER A 1 23  ? 3.668   4.292   -16.853 1.00 33.26 ? 679 SER A OG  1 
ATOM   96  N N   . ILE A 1 24  ? -0.651  4.593   -15.528 1.00 28.88 ? 680 ILE A N   1 
ATOM   97  C CA  . ILE A 1 24  ? -2.041  4.196   -15.508 1.00 29.99 ? 680 ILE A CA  1 
ATOM   98  C C   . ILE A 1 24  ? -2.260  2.841   -16.213 1.00 28.73 ? 680 ILE A C   1 
ATOM   99  O O   . ILE A 1 24  ? -1.582  2.520   -17.143 1.00 27.40 ? 680 ILE A O   1 
ATOM   100 C CB  . ILE A 1 24  ? -2.850  5.350   -16.131 1.00 30.43 ? 680 ILE A CB  1 
ATOM   101 C CG1 . ILE A 1 24  ? -4.252  4.896   -16.496 1.00 33.61 ? 680 ILE A CG1 1 
ATOM   102 C CG2 . ILE A 1 24  ? -2.134  5.838   -17.409 1.00 35.58 ? 680 ILE A CG2 1 
ATOM   103 C CD1 . ILE A 1 24  ? -5.285  5.984   -16.227 1.00 44.45 ? 680 ILE A CD1 1 
ATOM   104 N N   . GLY A 1 25  ? -3.179  2.036   -15.699 1.00 27.86 ? 681 GLY A N   1 
ATOM   105 C CA  . GLY A 1 25  ? -3.410  0.677   -16.162 1.00 24.15 ? 681 GLY A CA  1 
ATOM   106 C C   . GLY A 1 25  ? -2.355  -0.328  -15.753 1.00 24.62 ? 681 GLY A C   1 
ATOM   107 O O   . GLY A 1 25  ? -2.516  -1.469  -16.083 1.00 26.39 ? 681 GLY A O   1 
ATOM   108 N N   . GLU A 1 26  ? -1.268  0.043   -15.082 1.00 22.42 ? 682 GLU A N   1 
ATOM   109 C CA  . GLU A 1 26  ? -0.337  -0.982  -14.604 1.00 23.40 ? 682 GLU A CA  1 
ATOM   110 C C   . GLU A 1 26  ? -0.553  -1.404  -13.145 1.00 22.99 ? 682 GLU A C   1 
ATOM   111 O O   . GLU A 1 26  ? -1.626  -1.109  -12.582 1.00 24.16 ? 682 GLU A O   1 
ATOM   112 C CB  . GLU A 1 26  ? 1.088   -0.516  -14.804 1.00 24.13 ? 682 GLU A CB  1 
ATOM   113 C CG  . GLU A 1 26  ? 1.389   -0.223  -16.255 1.00 36.86 ? 682 GLU A CG  1 
ATOM   114 C CD  . GLU A 1 26  ? 2.754   -0.714  -16.605 1.00 54.39 ? 682 GLU A CD  1 
ATOM   115 O OE1 . GLU A 1 26  ? 2.823   -1.767  -17.292 1.00 60.85 ? 682 GLU A OE1 1 
ATOM   116 O OE2 . GLU A 1 26  ? 3.751   -0.080  -16.133 1.00 60.47 ? 682 GLU A OE2 1 
ATOM   117 N N   . SER A 1 27  ? 0.475   -2.017  -12.531 1.00 21.32 ? 683 SER A N   1 
ATOM   118 C CA  . SER A 1 27  ? 0.404   -2.647  -11.227 1.00 20.96 ? 683 SER A CA  1 
ATOM   119 C C   . SER A 1 27  ? 1.329   -1.972  -10.261 1.00 21.34 ? 683 SER A C   1 
ATOM   120 O O   . SER A 1 27  ? 2.445   -1.600  -10.605 1.00 21.48 ? 683 SER A O   1 
ATOM   121 C CB  . SER A 1 27  ? 0.988   -4.060  -11.304 1.00 20.69 ? 683 SER A CB  1 
ATOM   122 O OG  . SER A 1 27  ? 0.049   -5.005  -11.727 1.00 25.33 ? 683 SER A OG  1 
ATOM   123 N N   . ILE A 1 28  ? 0.944   -1.970  -8.999  1.00 20.96 ? 684 ILE A N   1 
ATOM   124 C CA  . ILE A 1 28  ? 1.883   -1.670  -7.928  1.00 21.70 ? 684 ILE A CA  1 
ATOM   125 C C   . ILE A 1 28  ? 1.930   -2.868  -6.990  1.00 22.50 ? 684 ILE A C   1 
ATOM   126 O O   . ILE A 1 28  ? 0.904   -3.359  -6.560  1.00 22.84 ? 684 ILE A O   1 
ATOM   127 C CB  . ILE A 1 28  ? 1.330   -0.504  -7.118  1.00 21.73 ? 684 ILE A CB  1 
ATOM   128 C CG1 . ILE A 1 28  ? 1.420   0.758   -7.948  1.00 17.55 ? 684 ILE A CG1 1 
ATOM   129 C CG2 . ILE A 1 28  ? 2.061   -0.362  -5.796  1.00 21.20 ? 684 ILE A CG2 1 
ATOM   130 C CD1 . ILE A 1 28  ? 0.409   1.750   -7.532  1.00 22.86 ? 684 ILE A CD1 1 
ATOM   131 N N   . GLU A 1 29  ? 3.103   -3.315  -6.617  1.00 23.15 ? 685 GLU A N   1 
ATOM   132 C CA  . GLU A 1 29  ? 3.181   -4.443  -5.674  1.00 25.32 ? 685 GLU A CA  1 
ATOM   133 C C   . GLU A 1 29  ? 4.047   -3.982  -4.521  1.00 23.99 ? 685 GLU A C   1 
ATOM   134 O O   . GLU A 1 29  ? 5.239   -3.809  -4.711  1.00 25.99 ? 685 GLU A O   1 
ATOM   135 C CB  . GLU A 1 29  ? 3.843   -5.665  -6.375  1.00 24.63 ? 685 GLU A CB  1 
ATOM   136 C CG  . GLU A 1 29  ? 3.192   -5.984  -7.785  1.00 34.77 ? 685 GLU A CG  1 
ATOM   137 C CD  . GLU A 1 29  ? 3.293   -7.496  -8.278  1.00 48.17 ? 685 GLU A CD  1 
ATOM   138 O OE1 . GLU A 1 29  ? 3.711   -8.419  -7.507  1.00 56.18 ? 685 GLU A OE1 1 
ATOM   139 O OE2 . GLU A 1 29  ? 2.926   -7.760  -9.459  1.00 48.75 ? 685 GLU A OE2 1 
ATOM   140 N N   . VAL A 1 30  ? 3.507   -3.737  -3.346  1.00 22.55 ? 686 VAL A N   1 
ATOM   141 C CA  . VAL A 1 30  ? 4.434   -3.424  -2.227  1.00 22.32 ? 686 VAL A CA  1 
ATOM   142 C C   . VAL A 1 30  ? 4.152   -4.340  -1.041  1.00 25.42 ? 686 VAL A C   1 
ATOM   143 O O   . VAL A 1 30  ? 3.123   -5.049  -1.049  1.00 26.30 ? 686 VAL A O   1 
ATOM   144 C CB  . VAL A 1 30  ? 4.277   -1.960  -1.797  1.00 21.48 ? 686 VAL A CB  1 
ATOM   145 C CG1 . VAL A 1 30  ? 4.682   -1.008  -2.953  1.00 16.71 ? 686 VAL A CG1 1 
ATOM   146 C CG2 . VAL A 1 30  ? 2.851   -1.762  -1.355  1.00 14.44 ? 686 VAL A CG2 1 
ATOM   147 N N   . SER A 1 31  ? 5.025   -4.318  -0.034  1.00 27.15 ? 687 SER A N   1 
ATOM   148 C CA  . SER A 1 31  ? 4.794   -5.055  1.225   1.00 29.97 ? 687 SER A CA  1 
ATOM   149 C C   . SER A 1 31  ? 5.462   -4.481  2.451   1.00 32.40 ? 687 SER A C   1 
ATOM   150 O O   . SER A 1 31  ? 6.549   -3.953  2.365   1.00 33.21 ? 687 SER A O   1 
ATOM   151 C CB  . SER A 1 31  ? 5.241   -6.502  1.101   1.00 27.47 ? 687 SER A CB  1 
ATOM   152 O OG  . SER A 1 31  ? 6.470   -6.513  0.441   1.00 30.36 ? 687 SER A OG  1 
ATOM   153 N N   . CYS A 1 32  ? 4.772   -4.591  3.584   1.00 36.40 ? 688 CYS A N   1 
ATOM   154 C CA  . CYS A 1 32  ? 5.339   -4.359  4.909   1.00 40.54 ? 688 CYS A CA  1 
ATOM   155 C C   . CYS A 1 32  ? 5.388   -5.656  5.704   1.00 41.79 ? 688 CYS A C   1 
ATOM   156 O O   . CYS A 1 32  ? 4.469   -6.462  5.616   1.00 43.22 ? 688 CYS A O   1 
ATOM   157 C CB  . CYS A 1 32  ? 4.482   -3.376  5.684   1.00 41.01 ? 688 CYS A CB  1 
ATOM   158 S SG  . CYS A 1 32  ? 4.671   -1.809  4.987   1.00 46.14 ? 688 CYS A SG  1 
ATOM   159 N N   . THR A 1 33  ? 6.441   -5.851  6.487   1.00 42.64 ? 689 THR A N   1 
ATOM   160 C CA  . THR A 1 33  ? 6.481   -6.992  7.382   1.00 43.75 ? 689 THR A CA  1 
ATOM   161 C C   . THR A 1 33  ? 6.959   -6.507  8.731   1.00 43.77 ? 689 THR A C   1 
ATOM   162 O O   . THR A 1 33  ? 8.003   -5.901  8.815   1.00 44.15 ? 689 THR A O   1 
ATOM   163 C CB  . THR A 1 33  ? 7.392   -8.122  6.821   1.00 45.02 ? 689 THR A CB  1 
ATOM   164 O OG1 . THR A 1 33  ? 6.862   -9.412  7.166   1.00 47.74 ? 689 THR A OG1 1 
ATOM   165 C CG2 . THR A 1 33  ? 8.781   -8.017  7.340   1.00 43.76 ? 689 THR A CG2 1 
ATOM   166 N N   . ALA A 1 34  ? 6.164   -6.745  9.776   1.00 44.82 ? 690 ALA A N   1 
ATOM   167 C CA  . ALA A 1 34  ? 6.488   -6.374  11.176  1.00 45.83 ? 690 ALA A CA  1 
ATOM   168 C C   . ALA A 1 34  ? 7.120   -7.506  12.047  1.00 46.97 ? 690 ALA A C   1 
ATOM   169 O O   . ALA A 1 34  ? 6.888   -8.686  11.805  1.00 47.31 ? 690 ALA A O   1 
ATOM   170 C CB  . ALA A 1 34  ? 5.237   -5.820  11.855  1.00 42.58 ? 690 ALA A CB  1 
ATOM   171 N N   . SER A 1 35  ? 7.923   -7.120  13.046  1.00 49.70 ? 691 SER A N   1 
ATOM   172 C CA  . SER A 1 35  ? 8.511   -8.041  14.064  1.00 50.47 ? 691 SER A CA  1 
ATOM   173 C C   . SER A 1 35  ? 7.813   -7.841  15.436  1.00 50.51 ? 691 SER A C   1 
ATOM   174 O O   . SER A 1 35  ? 7.376   -6.721  15.774  1.00 49.81 ? 691 SER A O   1 
ATOM   175 C CB  . SER A 1 35  ? 10.031  -7.811  14.204  1.00 49.27 ? 691 SER A CB  1 
ATOM   176 O OG  . SER A 1 35  ? 10.243  -6.521  14.776  1.00 52.18 ? 691 SER A OG  1 
ATOM   177 N N   . PRO A 1 40  ? 3.297   -8.427  14.989  1.00 60.79 ? 696 PRO A N   1 
ATOM   178 C CA  . PRO A 1 40  ? 1.875   -8.146  15.224  1.00 58.19 ? 696 PRO A CA  1 
ATOM   179 C C   . PRO A 1 40  ? 1.124   -8.004  13.931  1.00 57.84 ? 696 PRO A C   1 
ATOM   180 O O   . PRO A 1 40  ? 1.691   -8.285  12.859  1.00 57.35 ? 696 PRO A O   1 
ATOM   181 C CB  . PRO A 1 40  ? 1.882   -6.782  15.908  1.00 55.97 ? 696 PRO A CB  1 
ATOM   182 C CG  . PRO A 1 40  ? 3.172   -6.163  15.467  1.00 59.49 ? 696 PRO A CG  1 
ATOM   183 C CD  . PRO A 1 40  ? 4.152   -7.294  15.371  1.00 61.20 ? 696 PRO A CD  1 
ATOM   184 N N   . GLN A 1 41  ? -0.133  -7.531  14.039  1.00 57.54 ? 697 GLN A N   1 
ATOM   185 C CA  . GLN A 1 41  ? -1.028  -7.369  12.877  1.00 58.18 ? 697 GLN A CA  1 
ATOM   186 C C   . GLN A 1 41  ? -0.713  -6.110  12.039  1.00 56.29 ? 697 GLN A C   1 
ATOM   187 O O   . GLN A 1 41  ? -0.633  -4.985  12.595  1.00 55.33 ? 697 GLN A O   1 
ATOM   188 C CB  . GLN A 1 41  ? -2.518  -7.353  13.341  1.00 20.00 ? 697 GLN A CB  1 
ATOM   189 N N   . ILE A 1 42  ? -0.545  -6.320  10.717  1.00 53.57 ? 698 ILE A N   1 
ATOM   190 C CA  . ILE A 1 42  ? -0.346  -5.208  9.777   1.00 53.25 ? 698 ILE A CA  1 
ATOM   191 C C   . ILE A 1 42  ? -1.658  -4.664  9.222   1.00 52.29 ? 698 ILE A C   1 
ATOM   192 O O   . ILE A 1 42  ? -2.517  -5.422  8.759   1.00 52.85 ? 698 ILE A O   1 
ATOM   193 C CB  . ILE A 1 42  ? 0.521   -5.623  8.615   1.00 53.66 ? 698 ILE A CB  1 
ATOM   194 C CG1 . ILE A 1 42  ? 1.963   -5.727  9.096   1.00 57.37 ? 698 ILE A CG1 1 
ATOM   195 C CG2 . ILE A 1 42  ? 0.389   -4.625  7.453   1.00 55.13 ? 698 ILE A CG2 1 
ATOM   196 C CD1 . ILE A 1 42  ? 2.998   -5.789  7.992   1.00 55.30 ? 698 ILE A CD1 1 
ATOM   197 N N   . MET A 1 43  ? -1.804  -3.342  9.282   1.00 51.21 ? 699 MET A N   1 
ATOM   198 C CA  . MET A 1 43  ? -2.993  -2.633  8.735   1.00 50.41 ? 699 MET A CA  1 
ATOM   199 C C   . MET A 1 43  ? -2.601  -1.540  7.701   1.00 46.88 ? 699 MET A C   1 
ATOM   200 O O   . MET A 1 43  ? -1.521  -0.943  7.798   1.00 47.38 ? 699 MET A O   1 
ATOM   201 C CB  . MET A 1 43  ? -3.820  -2.004  9.856   1.00 52.59 ? 699 MET A CB  1 
ATOM   202 C CG  . MET A 1 43  ? -4.419  -3.021  10.829  1.00 60.34 ? 699 MET A CG  1 
ATOM   203 S SD  . MET A 1 43  ? -5.859  -4.030  10.311  1.00 77.97 ? 699 MET A SD  1 
ATOM   204 C CE  . MET A 1 43  ? -7.265  -2.900  10.213  1.00 74.10 ? 699 MET A CE  1 
ATOM   205 N N   . TRP A 1 44  ? -3.462  -1.289  6.716   1.00 40.87 ? 700 TRP A N   1 
ATOM   206 C CA  . TRP A 1 44  ? -3.101  -0.365  5.614   1.00 35.10 ? 700 TRP A CA  1 
ATOM   207 C C   . TRP A 1 44  ? -4.036  0.814   5.531   1.00 32.65 ? 700 TRP A C   1 
ATOM   208 O O   . TRP A 1 44  ? -5.225  0.635   5.700   1.00 32.55 ? 700 TRP A O   1 
ATOM   209 C CB  . TRP A 1 44  ? -3.138  -1.068  4.256   1.00 32.89 ? 700 TRP A CB  1 
ATOM   210 C CG  . TRP A 1 44  ? -2.051  -1.977  4.029   1.00 26.67 ? 700 TRP A CG  1 
ATOM   211 C CD1 . TRP A 1 44  ? -2.017  -3.290  4.355   1.00 25.85 ? 700 TRP A CD1 1 
ATOM   212 C CD2 . TRP A 1 44  ? -0.788  -1.670  3.434   1.00 21.97 ? 700 TRP A CD2 1 
ATOM   213 N NE1 . TRP A 1 44  ? -0.822  -3.837  3.966   1.00 24.93 ? 700 TRP A NE1 1 
ATOM   214 C CE2 . TRP A 1 44  ? -0.044  -2.856  3.416   1.00 18.21 ? 700 TRP A CE2 1 
ATOM   215 C CE3 . TRP A 1 44  ? -0.225  -0.503  2.881   1.00 20.74 ? 700 TRP A CE3 1 
ATOM   216 C CZ2 . TRP A 1 44  ? 1.211   -2.929  2.868   1.00 20.83 ? 700 TRP A CZ2 1 
ATOM   217 C CZ3 . TRP A 1 44  ? 1.046   -0.574  2.348   1.00 21.22 ? 700 TRP A CZ3 1 
ATOM   218 C CH2 . TRP A 1 44  ? 1.750   -1.772  2.350   1.00 23.81 ? 700 TRP A CH2 1 
ATOM   219 N N   . PHE A 1 45  ? -3.510  2.000   5.248   1.00 30.43 ? 701 PHE A N   1 
ATOM   220 C CA  . PHE A 1 45  ? -4.371  3.170   5.044   1.00 31.90 ? 701 PHE A CA  1 
ATOM   221 C C   . PHE A 1 45  ? -4.097  3.919   3.751   1.00 32.04 ? 701 PHE A C   1 
ATOM   222 O O   . PHE A 1 45  ? -2.971  3.899   3.207   1.00 31.58 ? 701 PHE A O   1 
ATOM   223 C CB  . PHE A 1 45  ? -4.286  4.135   6.224   1.00 33.12 ? 701 PHE A CB  1 
ATOM   224 C CG  . PHE A 1 45  ? -4.502  3.458   7.554   1.00 36.33 ? 701 PHE A CG  1 
ATOM   225 C CD1 . PHE A 1 45  ? -5.674  3.680   8.271   1.00 40.81 ? 701 PHE A CD1 1 
ATOM   226 C CD2 . PHE A 1 45  ? -3.546  2.540   8.063   1.00 37.27 ? 701 PHE A CD2 1 
ATOM   227 C CE1 . PHE A 1 45  ? -5.891  3.019   9.467   1.00 41.03 ? 701 PHE A CE1 1 
ATOM   228 C CE2 . PHE A 1 45  ? -3.743  1.878   9.240   1.00 41.75 ? 701 PHE A CE2 1 
ATOM   229 C CZ  . PHE A 1 45  ? -4.911  2.117   9.959   1.00 41.30 ? 701 PHE A CZ  1 
ATOM   230 N N   . LYS A 1 46  ? -5.131  4.570   3.237   1.00 31.46 ? 702 LYS A N   1 
ATOM   231 C CA  . LYS A 1 46  ? -4.898  5.465   2.131   1.00 33.48 ? 702 LYS A CA  1 
ATOM   232 C C   . LYS A 1 46  ? -5.502  6.804   2.480   1.00 36.21 ? 702 LYS A C   1 
ATOM   233 O O   . LYS A 1 46  ? -6.730  6.890   2.762   1.00 36.62 ? 702 LYS A O   1 
ATOM   234 C CB  . LYS A 1 46  ? -5.487  4.941   0.846   1.00 31.26 ? 702 LYS A CB  1 
ATOM   235 C CG  . LYS A 1 46  ? -5.144  5.788   -0.327  1.00 30.42 ? 702 LYS A CG  1 
ATOM   236 C CD  . LYS A 1 46  ? -6.279  5.733   -1.303  1.00 39.23 ? 702 LYS A CD  1 
ATOM   237 C CE  . LYS A 1 46  ? -5.882  6.260   -2.682  1.00 39.63 ? 702 LYS A CE  1 
ATOM   238 N NZ  . LYS A 1 46  ? -6.460  7.585   -2.851  1.00 42.48 ? 702 LYS A NZ  1 
ATOM   239 N N   . ASP A 1 47  ? -4.642  7.837   2.429   1.00 38.65 ? 703 ASP A N   1 
ATOM   240 C CA  . ASP A 1 47  ? -4.961  9.215   2.875   1.00 40.03 ? 703 ASP A CA  1 
ATOM   241 C C   . ASP A 1 47  ? -5.562  9.097   4.264   1.00 42.05 ? 703 ASP A C   1 
ATOM   242 O O   . ASP A 1 47  ? -6.688  9.542   4.554   1.00 43.14 ? 703 ASP A O   1 
ATOM   243 C CB  . ASP A 1 47  ? -5.834  9.928   1.846   1.00 37.75 ? 703 ASP A CB  1 
ATOM   244 C CG  . ASP A 1 47  ? -5.113  10.061  0.486   1.00 43.40 ? 703 ASP A CG  1 
ATOM   245 O OD1 . ASP A 1 47  ? -3.870  10.347  0.476   1.00 44.24 ? 703 ASP A OD1 1 
ATOM   246 O OD2 . ASP A 1 47  ? -5.774  9.859   -0.574  1.00 45.56 ? 703 ASP A OD2 1 
ATOM   247 N N   . ASN A 1 48  ? -4.795  8.402   5.107   1.00 43.61 ? 704 ASN A N   1 
ATOM   248 C CA  . ASN A 1 48  ? -5.177  8.132   6.489   1.00 46.14 ? 704 ASN A CA  1 
ATOM   249 C C   . ASN A 1 48  ? -6.599  7.607   6.650   1.00 46.66 ? 704 ASN A C   1 
ATOM   250 O O   . ASN A 1 48  ? -7.327  8.039   7.497   1.00 48.70 ? 704 ASN A O   1 
ATOM   251 C CB  . ASN A 1 48  ? -4.943  9.386   7.334   1.00 46.31 ? 704 ASN A CB  1 
ATOM   252 C CG  . ASN A 1 48  ? -3.463  9.652   7.553   1.00 50.01 ? 704 ASN A CG  1 
ATOM   253 O OD1 . ASN A 1 48  ? -2.898  10.593  6.982   1.00 50.29 ? 704 ASN A OD1 1 
ATOM   254 N ND2 . ASN A 1 48  ? -2.815  8.788   8.349   1.00 51.48 ? 704 ASN A ND2 1 
ATOM   255 N N   . GLU A 1 49  ? -7.011  6.705   5.798   1.00 46.86 ? 705 GLU A N   1 
ATOM   256 C CA  . GLU A 1 49  ? -8.269  6.075   6.017   1.00 48.46 ? 705 GLU A CA  1 
ATOM   257 C C   . GLU A 1 49  ? -8.126  4.618   5.691   1.00 47.76 ? 705 GLU A C   1 
ATOM   258 O O   . GLU A 1 49  ? -7.172  4.229   5.032   1.00 49.41 ? 705 GLU A O   1 
ATOM   259 C CB  . GLU A 1 49  ? -9.378  6.754   5.226   1.00 49.29 ? 705 GLU A CB  1 
ATOM   260 C CG  . GLU A 1 49  ? -10.314 7.532   6.160   1.00 59.41 ? 705 GLU A CG  1 
ATOM   261 C CD  . GLU A 1 49  ? -11.017 8.699   5.471   1.00 68.63 ? 705 GLU A CD  1 
ATOM   262 O OE1 . GLU A 1 49  ? -12.277 8.716   5.411   1.00 69.26 ? 705 GLU A OE1 1 
ATOM   263 O OE2 . GLU A 1 49  ? -10.291 9.601   4.998   1.00 72.00 ? 705 GLU A OE2 1 
ATOM   264 N N   . THR A 1 50  ? -9.027  3.792   6.192   1.00 46.40 ? 706 THR A N   1 
ATOM   265 C CA  . THR A 1 50  ? -8.806  2.394   6.005   1.00 45.80 ? 706 THR A CA  1 
ATOM   266 C C   . THR A 1 50  ? -8.900  2.160   4.517   1.00 45.02 ? 706 THR A C   1 
ATOM   267 O O   . THR A 1 50  ? -9.688  2.787   3.784   1.00 43.40 ? 706 THR A O   1 
ATOM   268 C CB  . THR A 1 50  ? -9.759  1.488   6.808   1.00 46.15 ? 706 THR A CB  1 
ATOM   269 O OG1 . THR A 1 50  ? -9.663  1.845   8.188   1.00 50.26 ? 706 THR A OG1 1 
ATOM   270 C CG2 . THR A 1 50  ? -9.290  0.056   6.735   1.00 46.85 ? 706 THR A CG2 1 
ATOM   271 N N   . LEU A 1 51  ? -8.011  1.298   4.083   1.00 43.84 ? 707 LEU A N   1 
ATOM   272 C CA  . LEU A 1 51  ? -7.885  0.975   2.703   1.00 44.63 ? 707 LEU A CA  1 
ATOM   273 C C   . LEU A 1 51  ? -9.138  0.271   2.255   1.00 46.46 ? 707 LEU A C   1 
ATOM   274 O O   . LEU A 1 51  ? -9.316  -0.871  2.631   1.00 48.30 ? 707 LEU A O   1 
ATOM   275 C CB  . LEU A 1 51  ? -6.715  0.021   2.578   1.00 42.69 ? 707 LEU A CB  1 
ATOM   276 C CG  . LEU A 1 51  ? -6.348  -0.166  1.141   1.00 40.11 ? 707 LEU A CG  1 
ATOM   277 C CD1 . LEU A 1 51  ? -5.957  1.186   0.544   1.00 35.27 ? 707 LEU A CD1 1 
ATOM   278 C CD2 . LEU A 1 51  ? -5.215  -1.156  1.089   1.00 39.36 ? 707 LEU A CD2 1 
ATOM   279 N N   . VAL A 1 52  ? -10.021 0.927   1.498   1.00 47.14 ? 708 VAL A N   1 
ATOM   280 C CA  . VAL A 1 52  ? -11.161 0.210   0.930   1.00 47.31 ? 708 VAL A CA  1 
ATOM   281 C C   . VAL A 1 52  ? -10.735 -0.879  -0.098  1.00 47.62 ? 708 VAL A C   1 
ATOM   282 O O   . VAL A 1 52  ? -10.470 -0.521  -1.252  1.00 48.62 ? 708 VAL A O   1 
ATOM   283 C CB  . VAL A 1 52  ? -12.061 1.114   0.060   1.00 48.08 ? 708 VAL A CB  1 
ATOM   284 C CG1 . VAL A 1 52  ? -13.379 0.358   -0.288  1.00 48.46 ? 708 VAL A CG1 1 
ATOM   285 C CG2 . VAL A 1 52  ? -12.289 2.518   0.640   1.00 48.24 ? 708 VAL A CG2 1 
ATOM   286 N N   . GLU A 1 53  ? -10.689 -2.172  0.260   1.00 45.93 ? 709 GLU A N   1 
ATOM   287 C CA  . GLU A 1 53  ? -10.503 -3.208  -0.775  1.00 44.57 ? 709 GLU A CA  1 
ATOM   288 C C   . GLU A 1 53  ? -11.583 -3.083  -1.909  1.00 43.20 ? 709 GLU A C   1 
ATOM   289 O O   . GLU A 1 53  ? -12.735 -2.686  -1.673  1.00 44.45 ? 709 GLU A O   1 
ATOM   290 C CB  . GLU A 1 53  ? -10.429 -4.623  -0.177  1.00 44.90 ? 709 GLU A CB  1 
ATOM   291 C CG  . GLU A 1 53  ? -9.063  -4.989  0.428   1.00 47.06 ? 709 GLU A CG  1 
ATOM   292 C CD  . GLU A 1 53  ? -8.849  -6.539  0.660   1.00 55.52 ? 709 GLU A CD  1 
ATOM   293 O OE1 . GLU A 1 53  ? -8.679  -7.370  -0.308  1.00 49.23 ? 709 GLU A OE1 1 
ATOM   294 O OE2 . GLU A 1 53  ? -8.812  -6.918  1.862   1.00 61.62 ? 709 GLU A OE2 1 
ATOM   295 N N   . ASP A 1 54  ? -11.153 -3.310  -3.150  1.00 39.32 ? 710 ASP A N   1 
ATOM   296 C CA  . ASP A 1 54  ? -12.043 -3.330  -4.305  1.00 32.86 ? 710 ASP A CA  1 
ATOM   297 C C   . ASP A 1 54  ? -11.398 -4.349  -5.189  1.00 31.35 ? 710 ASP A C   1 
ATOM   298 O O   . ASP A 1 54  ? -10.288 -4.811  -4.893  1.00 32.84 ? 710 ASP A O   1 
ATOM   299 C CB  . ASP A 1 54  ? -12.203 -1.959  -4.951  1.00 31.72 ? 710 ASP A CB  1 
ATOM   300 C CG  . ASP A 1 54  ? -10.993 -1.497  -5.821  1.00 33.63 ? 710 ASP A CG  1 
ATOM   301 O OD1 . ASP A 1 54  ? -10.312 -0.550  -5.381  1.00 41.26 ? 710 ASP A OD1 1 
ATOM   302 O OD2 . ASP A 1 54  ? -10.746 -1.939  -6.967  1.00 31.72 ? 710 ASP A OD2 1 
ATOM   303 N N   . SER A 1 55  ? -12.103 -4.760  -6.227  1.00 26.22 ? 711 SER A N   1 
ATOM   304 C CA  . SER A 1 55  ? -11.593 -5.767  -7.093  1.00 22.92 ? 711 SER A CA  1 
ATOM   305 C C   . SER A 1 55  ? -10.136 -5.622  -7.557  1.00 23.49 ? 711 SER A C   1 
ATOM   306 O O   . SER A 1 55  ? -9.514  -6.652  -7.842  1.00 23.91 ? 711 SER A O   1 
ATOM   307 C CB  . SER A 1 55  ? -12.604 -5.976  -8.200  1.00 22.78 ? 711 SER A CB  1 
ATOM   308 O OG  . SER A 1 55  ? -12.111 -5.666  -9.458  1.00 22.21 ? 711 SER A OG  1 
ATOM   309 N N   . GLY A 1 56  ? -9.578  -4.391  -7.591  1.00 20.28 ? 712 GLY A N   1 
ATOM   310 C CA  . GLY A 1 56  ? -8.196  -4.193  -8.024  1.00 18.39 ? 712 GLY A CA  1 
ATOM   311 C C   . GLY A 1 56  ? -7.205  -4.146  -6.886  1.00 20.16 ? 712 GLY A C   1 
ATOM   312 O O   . GLY A 1 56  ? -6.000  -3.985  -7.084  1.00 21.09 ? 712 GLY A O   1 
ATOM   313 N N   . ILE A 1 57  ? -7.701  -4.196  -5.668  1.00 20.61 ? 713 ILE A N   1 
ATOM   314 C CA  . ILE A 1 57  ? -6.842  -4.063  -4.511  1.00 22.84 ? 713 ILE A CA  1 
ATOM   315 C C   . ILE A 1 57  ? -6.926  -5.363  -3.745  1.00 26.16 ? 713 ILE A C   1 
ATOM   316 O O   . ILE A 1 57  ? -8.013  -5.751  -3.298  1.00 29.18 ? 713 ILE A O   1 
ATOM   317 C CB  . ILE A 1 57  ? -7.322  -2.929  -3.606  1.00 22.74 ? 713 ILE A CB  1 
ATOM   318 C CG1 . ILE A 1 57  ? -7.180  -1.601  -4.351  1.00 20.10 ? 713 ILE A CG1 1 
ATOM   319 C CG2 . ILE A 1 57  ? -6.515  -2.927  -2.288  1.00 18.06 ? 713 ILE A CG2 1 
ATOM   320 C CD1 . ILE A 1 57  ? -7.623  -0.463  -3.591  1.00 17.57 ? 713 ILE A CD1 1 
ATOM   321 N N   . VAL A 1 58  ? -5.797  -6.047  -3.638  1.00 27.26 ? 714 VAL A N   1 
ATOM   322 C CA  . VAL A 1 58  ? -5.740  -7.385  -3.075  1.00 30.55 ? 714 VAL A CA  1 
ATOM   323 C C   . VAL A 1 58  ? -4.653  -7.407  -2.019  1.00 30.38 ? 714 VAL A C   1 
ATOM   324 O O   . VAL A 1 58  ? -3.477  -7.117  -2.311  1.00 29.13 ? 714 VAL A O   1 
ATOM   325 C CB  . VAL A 1 58  ? -5.364  -8.404  -4.157  1.00 32.51 ? 714 VAL A CB  1 
ATOM   326 C CG1 . VAL A 1 58  ? -5.162  -9.813  -3.562  1.00 33.17 ? 714 VAL A CG1 1 
ATOM   327 C CG2 . VAL A 1 58  ? -6.370  -8.372  -5.338  1.00 33.38 ? 714 VAL A CG2 1 
ATOM   328 N N   . LEU A 1 59  ? -5.077  -7.687  -0.780  1.00 32.09 ? 715 LEU A N   1 
ATOM   329 C CA  . LEU A 1 59  ? -4.157  -7.974  0.367   1.00 31.05 ? 715 LEU A CA  1 
ATOM   330 C C   . LEU A 1 59  ? -3.845  -9.483  0.485   1.00 31.55 ? 715 LEU A C   1 
ATOM   331 O O   . LEU A 1 59  ? -4.730  -10.343 0.363   1.00 33.65 ? 715 LEU A O   1 
ATOM   332 C CB  . LEU A 1 59  ? -4.726  -7.405  1.644   1.00 28.86 ? 715 LEU A CB  1 
ATOM   333 C CG  . LEU A 1 59  ? -4.628  -5.885  1.581   1.00 29.76 ? 715 LEU A CG  1 
ATOM   334 C CD1 . LEU A 1 59  ? -5.178  -5.180  2.831   1.00 22.72 ? 715 LEU A CD1 1 
ATOM   335 C CD2 . LEU A 1 59  ? -3.180  -5.542  1.430   1.00 31.85 ? 715 LEU A CD2 1 
ATOM   336 N N   . LYS A 1 60  ? -2.576  -9.815  0.655   1.00 31.14 ? 716 LYS A N   1 
ATOM   337 C CA  . LYS A 1 60  ? -2.184  -11.208 0.868   1.00 30.51 ? 716 LYS A CA  1 
ATOM   338 C C   . LYS A 1 60  ? -1.303  -11.418 2.092   1.00 29.98 ? 716 LYS A C   1 
ATOM   339 O O   . LYS A 1 60  ? -0.573  -10.528 2.525   1.00 31.28 ? 716 LYS A O   1 
ATOM   340 C CB  . LYS A 1 60  ? -1.441  -11.701 -0.366  1.00 30.32 ? 716 LYS A CB  1 
ATOM   341 C CG  . LYS A 1 60  ? -2.174  -12.800 -1.124  1.00 34.42 ? 716 LYS A CG  1 
ATOM   342 C CD  . LYS A 1 60  ? -2.295  -12.583 -2.652  1.00 46.58 ? 716 LYS A CD  1 
ATOM   343 C CE  . LYS A 1 60  ? -1.023  -11.953 -3.325  1.00 55.26 ? 716 LYS A CE  1 
ATOM   344 N NZ  . LYS A 1 60  ? 0.334   -12.325 -2.725  1.00 59.26 ? 716 LYS A NZ  1 
ATOM   345 N N   . ASP A 1 61  ? -1.321  -12.641 2.594   1.00 28.77 ? 717 ASP A N   1 
ATOM   346 C CA  . ASP A 1 61  ? -0.317  -13.130 3.542   1.00 25.81 ? 717 ASP A CA  1 
ATOM   347 C C   . ASP A 1 61  ? -0.334  -12.324 4.771   1.00 24.16 ? 717 ASP A C   1 
ATOM   348 O O   . ASP A 1 61  ? 0.622   -11.630 5.083   1.00 24.12 ? 717 ASP A O   1 
ATOM   349 C CB  . ASP A 1 61  ? 1.109   -13.144 3.008   1.00 24.31 ? 717 ASP A CB  1 
ATOM   350 C CG  . ASP A 1 61  ? 2.073   -13.847 3.977   1.00 28.44 ? 717 ASP A CG  1 
ATOM   351 O OD1 . ASP A 1 61  ? 1.552   -14.483 4.926   1.00 34.25 ? 717 ASP A OD1 1 
ATOM   352 O OD2 . ASP A 1 61  ? 3.321   -13.807 3.792   1.00 31.77 ? 717 ASP A OD2 1 
ATOM   353 N N   . GLY A 1 62  ? -1.432  -12.433 5.482   1.00 22.27 ? 718 GLY A N   1 
ATOM   354 C CA  . GLY A 1 62  ? -1.523  -11.759 6.718   1.00 24.72 ? 718 GLY A CA  1 
ATOM   355 C C   . GLY A 1 62  ? -1.548  -10.281 6.485   1.00 27.01 ? 718 GLY A C   1 
ATOM   356 O O   . GLY A 1 62  ? -1.178  -9.544  7.387   1.00 30.79 ? 718 GLY A O   1 
ATOM   357 N N   . ASN A 1 63  ? -2.000  -9.851  5.295   1.00 28.50 ? 719 ASN A N   1 
ATOM   358 C CA  . ASN A 1 63  ? -2.062  -8.446  4.899   1.00 27.60 ? 719 ASN A CA  1 
ATOM   359 C C   . ASN A 1 63  ? -0.743  -7.789  4.786   1.00 27.38 ? 719 ASN A C   1 
ATOM   360 O O   . ASN A 1 63  ? -0.683  -6.587  4.863   1.00 28.22 ? 719 ASN A O   1 
ATOM   361 C CB  . ASN A 1 63  ? -2.942  -7.613  5.828   1.00 26.47 ? 719 ASN A CB  1 
ATOM   362 C CG  . ASN A 1 63  ? -4.423  -7.843  5.569   1.00 31.92 ? 719 ASN A CG  1 
ATOM   363 O OD1 . ASN A 1 63  ? -4.824  -8.672  4.728   1.00 38.75 ? 719 ASN A OD1 1 
ATOM   364 N ND2 . ASN A 1 63  ? -5.248  -7.111  6.285   1.00 32.25 ? 719 ASN A ND2 1 
ATOM   365 N N   . ARG A 1 64  ? 0.311   -8.558  4.599   1.00 25.15 ? 720 ARG A N   1 
ATOM   366 C CA  . ARG A 1 64  ? 1.585   -7.955  4.361   1.00 25.44 ? 720 ARG A CA  1 
ATOM   367 C C   . ARG A 1 64  ? 1.803   -7.507  2.896   1.00 27.27 ? 720 ARG A C   1 
ATOM   368 O O   . ARG A 1 64  ? 2.523   -6.525  2.686   1.00 28.91 ? 720 ARG A O   1 
ATOM   369 C CB  . ARG A 1 64  ? 2.695   -8.933  4.715   1.00 23.85 ? 720 ARG A CB  1 
ATOM   370 C CG  . ARG A 1 64  ? 2.763   -9.337  6.169   1.00 25.79 ? 720 ARG A CG  1 
ATOM   371 C CD  . ARG A 1 64  ? 3.566   -10.639 6.312   1.00 30.41 ? 720 ARG A CD  1 
ATOM   372 N NE  . ARG A 1 64  ? 3.761   -10.981 7.717   1.00 31.22 ? 720 ARG A NE  1 
ATOM   373 C CZ  . ARG A 1 64  ? 2.927   -11.694 8.472   1.00 27.30 ? 720 ARG A CZ  1 
ATOM   374 N NH1 . ARG A 1 64  ? 1.800   -12.227 7.998   1.00 24.55 ? 720 ARG A NH1 1 
ATOM   375 N NH2 . ARG A 1 64  ? 3.266   -11.879 9.719   1.00 26.45 ? 720 ARG A NH2 1 
ATOM   376 N N   . ASN A 1 65  ? 1.276   -8.232  1.904   1.00 26.21 ? 721 ASN A N   1 
ATOM   377 C CA  . ASN A 1 65  ? 1.438   -7.822  0.510   1.00 28.41 ? 721 ASN A CA  1 
ATOM   378 C C   . ASN A 1 65  ? 0.263   -7.055  0.008   1.00 28.52 ? 721 ASN A C   1 
ATOM   379 O O   . ASN A 1 65  ? -0.864  -7.587  0.021   1.00 31.14 ? 721 ASN A O   1 
ATOM   380 C CB  . ASN A 1 65  ? 1.621   -9.015  -0.409  1.00 28.64 ? 721 ASN A CB  1 
ATOM   381 C CG  . ASN A 1 65  ? 2.870   -9.758  -0.065  1.00 42.34 ? 721 ASN A CG  1 
ATOM   382 O OD1 . ASN A 1 65  ? 3.885   -9.129  0.313   1.00 53.71 ? 721 ASN A OD1 1 
ATOM   383 N ND2 . ASN A 1 65  ? 2.820   -11.105 -0.097  1.00 52.07 ? 721 ASN A ND2 1 
ATOM   384 N N   . LEU A 1 66  ? 0.513   -5.835  -0.479  1.00 25.13 ? 722 LEU A N   1 
ATOM   385 C CA  . LEU A 1 66  ? -0.551  -5.074  -1.145  1.00 22.52 ? 722 LEU A CA  1 
ATOM   386 C C   . LEU A 1 66  ? -0.297  -5.061  -2.637  1.00 22.11 ? 722 LEU A C   1 
ATOM   387 O O   . LEU A 1 66  ? 0.817   -4.811  -3.079  1.00 24.64 ? 722 LEU A O   1 
ATOM   388 C CB  . LEU A 1 66  ? -0.671  -3.681  -0.559  1.00 20.69 ? 722 LEU A CB  1 
ATOM   389 C CG  . LEU A 1 66  ? -1.531  -2.723  -1.334  1.00 19.29 ? 722 LEU A CG  1 
ATOM   390 C CD1 . LEU A 1 66  ? -2.890  -3.089  -1.128  1.00 10.66 ? 722 LEU A CD1 1 
ATOM   391 C CD2 . LEU A 1 66  ? -1.313  -1.347  -0.753  1.00 21.86 ? 722 LEU A CD2 1 
ATOM   392 N N   . THR A 1 67  ? -1.317  -5.424  -3.403  1.00 20.78 ? 723 THR A N   1 
ATOM   393 C CA  . THR A 1 67  ? -1.267  -5.314  -4.899  1.00 19.73 ? 723 THR A CA  1 
ATOM   394 C C   . THR A 1 67  ? -2.436  -4.530  -5.442  1.00 18.13 ? 723 THR A C   1 
ATOM   395 O O   . THR A 1 67  ? -3.577  -4.768  -5.025  1.00 18.64 ? 723 THR A O   1 
ATOM   396 C CB  . THR A 1 67  ? -1.288  -6.657  -5.572  1.00 18.07 ? 723 THR A CB  1 
ATOM   397 O OG1 . THR A 1 67  ? -0.130  -7.342  -5.118  1.00 24.12 ? 723 THR A OG1 1 
ATOM   398 C CG2 . THR A 1 67  ? -1.148  -6.477  -7.061  1.00 19.22 ? 723 THR A CG2 1 
ATOM   399 N N   . ILE A 1 68  ? -2.140  -3.598  -6.347  1.00 16.51 ? 724 ILE A N   1 
ATOM   400 C CA  . ILE A 1 68  ? -3.163  -2.811  -7.032  1.00 16.69 ? 724 ILE A CA  1 
ATOM   401 C C   . ILE A 1 68  ? -2.992  -3.058  -8.508  1.00 16.97 ? 724 ILE A C   1 
ATOM   402 O O   . ILE A 1 68  ? -1.904  -2.856  -9.042  1.00 18.24 ? 724 ILE A O   1 
ATOM   403 C CB  . ILE A 1 68  ? -3.091  -1.304  -6.696  1.00 17.30 ? 724 ILE A CB  1 
ATOM   404 C CG1 . ILE A 1 68  ? -2.891  -1.086  -5.160  1.00 15.15 ? 724 ILE A CG1 1 
ATOM   405 C CG2 . ILE A 1 68  ? -4.384  -0.655  -7.083  1.00 19.07 ? 724 ILE A CG2 1 
ATOM   406 C CD1 . ILE A 1 68  ? -3.001  0.408   -4.739  1.00 17.14 ? 724 ILE A CD1 1 
ATOM   407 N N   . ARG A 1 69  ? -4.051  -3.538  -9.149  1.00 16.95 ? 725 ARG A N   1 
ATOM   408 C CA  . ARG A 1 69  ? -4.022  -3.860  -10.561 1.00 19.22 ? 725 ARG A CA  1 
ATOM   409 C C   . ARG A 1 69  ? -4.822  -2.831  -11.343 1.00 18.62 ? 725 ARG A C   1 
ATOM   410 O O   . ARG A 1 69  ? -5.842  -2.336  -10.865 1.00 19.78 ? 725 ARG A O   1 
ATOM   411 C CB  . ARG A 1 69  ? -4.553  -5.303  -10.779 1.00 19.77 ? 725 ARG A CB  1 
ATOM   412 C CG  . ARG A 1 69  ? -3.582  -6.278  -10.064 1.00 25.23 ? 725 ARG A CG  1 
ATOM   413 C CD  . ARG A 1 69  ? -3.855  -7.786  -10.205 1.00 41.83 ? 725 ARG A CD  1 
ATOM   414 N NE  . ARG A 1 69  ? -2.630  -8.554  -9.868  1.00 51.97 ? 725 ARG A NE  1 
ATOM   415 C CZ  . ARG A 1 69  ? -2.492  -9.335  -8.781  1.00 56.90 ? 725 ARG A CZ  1 
ATOM   416 N NH1 . ARG A 1 69  ? -3.511  -9.517  -7.909  1.00 52.06 ? 725 ARG A NH1 1 
ATOM   417 N NH2 . ARG A 1 69  ? -1.324  -9.943  -8.555  1.00 59.38 ? 725 ARG A NH2 1 
ATOM   418 N N   . ARG A 1 70  ? -4.358  -2.506  -12.547 1.00 18.11 ? 726 ARG A N   1 
ATOM   419 C CA  . ARG A 1 70  ? -5.039  -1.550  -13.430 1.00 18.39 ? 726 ARG A CA  1 
ATOM   420 C C   . ARG A 1 70  ? -5.159  -0.227  -12.702 1.00 19.51 ? 726 ARG A C   1 
ATOM   421 O O   . ARG A 1 70  ? -6.260  0.287   -12.516 1.00 18.12 ? 726 ARG A O   1 
ATOM   422 C CB  . ARG A 1 70  ? -6.426  -2.065  -13.848 1.00 15.16 ? 726 ARG A CB  1 
ATOM   423 C CG  . ARG A 1 70  ? -6.318  -3.095  -14.939 1.00 14.25 ? 726 ARG A CG  1 
ATOM   424 C CD  . ARG A 1 70  ? -7.663  -3.632  -15.378 1.00 11.52 ? 726 ARG A CD  1 
ATOM   425 N NE  . ARG A 1 70  ? -7.505  -4.373  -16.614 1.00 17.94 ? 726 ARG A NE  1 
ATOM   426 C CZ  . ARG A 1 70  ? -8.542  -4.810  -17.301 1.00 19.87 ? 726 ARG A CZ  1 
ATOM   427 N NH1 . ARG A 1 70  ? -9.789  -4.535  -16.867 1.00 18.62 ? 726 ARG A NH1 1 
ATOM   428 N NH2 . ARG A 1 70  ? -8.343  -5.465  -18.439 1.00 16.60 ? 726 ARG A NH2 1 
ATOM   429 N N   . VAL A 1 71  ? -4.038  0.293   -12.240 1.00 21.54 ? 727 VAL A N   1 
ATOM   430 C CA  . VAL A 1 71  ? -4.080  1.497   -11.412 1.00 24.09 ? 727 VAL A CA  1 
ATOM   431 C C   . VAL A 1 71  ? -4.764  2.571   -12.188 1.00 26.39 ? 727 VAL A C   1 
ATOM   432 O O   . VAL A 1 71  ? -4.562  2.708   -13.410 1.00 26.89 ? 727 VAL A O   1 
ATOM   433 C CB  . VAL A 1 71  ? -2.688  1.974   -11.001 1.00 22.39 ? 727 VAL A CB  1 
ATOM   434 C CG1 . VAL A 1 71  ? -2.025  0.916   -10.108 1.00 24.39 ? 727 VAL A CG1 1 
ATOM   435 C CG2 . VAL A 1 71  ? -1.824  2.088   -12.202 1.00 24.03 ? 727 VAL A CG2 1 
ATOM   436 N N   . ARG A 1 72  ? -5.600  3.324   -11.490 1.00 30.02 ? 728 ARG A N   1 
ATOM   437 C CA  . ARG A 1 72  ? -6.219  4.513   -12.058 1.00 32.50 ? 728 ARG A CA  1 
ATOM   438 C C   . ARG A 1 72  ? -5.855  5.793   -11.241 1.00 36.06 ? 728 ARG A C   1 
ATOM   439 O O   . ARG A 1 72  ? -5.130  5.724   -10.224 1.00 36.97 ? 728 ARG A O   1 
ATOM   440 C CB  . ARG A 1 72  ? -7.715  4.287   -12.144 1.00 30.75 ? 728 ARG A CB  1 
ATOM   441 C CG  . ARG A 1 72  ? -8.302  4.102   -10.838 1.00 31.53 ? 728 ARG A CG  1 
ATOM   442 C CD  . ARG A 1 72  ? -9.660  3.520   -10.913 1.00 36.36 ? 728 ARG A CD  1 
ATOM   443 N NE  . ARG A 1 72  ? -9.993  3.052   -9.572  1.00 39.03 ? 728 ARG A NE  1 
ATOM   444 C CZ  . ARG A 1 72  ? -10.807 2.023   -9.299  1.00 42.00 ? 728 ARG A CZ  1 
ATOM   445 N NH1 . ARG A 1 72  ? -11.431 1.348   -10.278 1.00 39.69 ? 728 ARG A NH1 1 
ATOM   446 N NH2 . ARG A 1 72  ? -10.998 1.668   -8.030  1.00 39.89 ? 728 ARG A NH2 1 
ATOM   447 N N   . LYS A 1 73  ? -6.337  6.958   -11.683 1.00 38.54 ? 729 LYS A N   1 
ATOM   448 C CA  . LYS A 1 73  ? -5.984  8.207   -10.998 1.00 38.73 ? 729 LYS A CA  1 
ATOM   449 C C   . LYS A 1 73  ? -6.423  8.211   -9.529  1.00 37.39 ? 729 LYS A C   1 
ATOM   450 O O   . LYS A 1 73  ? -5.643  8.561   -8.646  1.00 36.11 ? 729 LYS A O   1 
ATOM   451 C CB  . LYS A 1 73  ? -6.553  9.426   -11.713 1.00 39.53 ? 729 LYS A CB  1 
ATOM   452 C CG  . LYS A 1 73  ? -5.663  10.652  -11.516 1.00 43.70 ? 729 LYS A CG  1 
ATOM   453 C CD  . LYS A 1 73  ? -4.448  10.536  -12.428 1.00 45.95 ? 729 LYS A CD  1 
ATOM   454 C CE  . LYS A 1 73  ? -3.444  11.646  -12.164 1.00 51.24 ? 729 LYS A CE  1 
ATOM   455 N NZ  . LYS A 1 73  ? -2.213  11.324  -12.973 1.00 52.19 ? 729 LYS A NZ  1 
ATOM   456 N N   . GLU A 1 74  ? -7.649  7.784   -9.264  1.00 35.64 ? 730 GLU A N   1 
ATOM   457 C CA  . GLU A 1 74  ? -8.087  7.675   -7.879  1.00 37.19 ? 730 GLU A CA  1 
ATOM   458 C C   . GLU A 1 74  ? -7.167  6.845   -6.921  1.00 35.60 ? 730 GLU A C   1 
ATOM   459 O O   . GLU A 1 74  ? -7.434  6.792   -5.734  1.00 37.32 ? 730 GLU A O   1 
ATOM   460 C CB  . GLU A 1 74  ? -9.542  7.176   -7.804  1.00 38.35 ? 730 GLU A CB  1 
ATOM   461 C CG  . GLU A 1 74  ? -10.528 7.956   -8.664  1.00 45.98 ? 730 GLU A CG  1 
ATOM   462 C CD  . GLU A 1 74  ? -10.333 7.709   -10.177 1.00 59.82 ? 730 GLU A CD  1 
ATOM   463 O OE1 . GLU A 1 74  ? -10.697 6.602   -10.672 1.00 64.96 ? 730 GLU A OE1 1 
ATOM   464 O OE2 . GLU A 1 74  ? -9.816  8.626   -10.889 1.00 67.16 ? 730 GLU A OE2 1 
ATOM   465 N N   . ASP A 1 75  ? -6.102  6.204   -7.411  1.00 32.81 ? 731 ASP A N   1 
ATOM   466 C CA  . ASP A 1 75  ? -5.240  5.366   -6.534  1.00 28.86 ? 731 ASP A CA  1 
ATOM   467 C C   . ASP A 1 75  ? -4.128  6.234   -5.980  1.00 27.46 ? 731 ASP A C   1 
ATOM   468 O O   . ASP A 1 75  ? -3.243  5.782   -5.252  1.00 26.97 ? 731 ASP A O   1 
ATOM   469 C CB  . ASP A 1 75  ? -4.596  4.162   -7.272  1.00 25.60 ? 731 ASP A CB  1 
ATOM   470 C CG  . ASP A 1 75  ? -5.604  3.139   -7.713  1.00 27.55 ? 731 ASP A CG  1 
ATOM   471 O OD1 . ASP A 1 75  ? -6.642  2.932   -7.022  1.00 22.48 ? 731 ASP A OD1 1 
ATOM   472 O OD2 . ASP A 1 75  ? -5.373  2.532   -8.777  1.00 23.91 ? 731 ASP A OD2 1 
ATOM   473 N N   . GLU A 1 76  ? -4.129  7.476   -6.371  1.00 26.54 ? 732 GLU A N   1 
ATOM   474 C CA  . GLU A 1 76  ? -2.966  8.261   -6.107  1.00 27.04 ? 732 GLU A CA  1 
ATOM   475 C C   . GLU A 1 76  ? -3.111  8.796   -4.681  1.00 24.79 ? 732 GLU A C   1 
ATOM   476 O O   . GLU A 1 76  ? -4.181  9.215   -4.291  1.00 23.75 ? 732 GLU A O   1 
ATOM   477 C CB  . GLU A 1 76  ? -3.002  9.366   -7.095  1.00 28.19 ? 732 GLU A CB  1 
ATOM   478 C CG  . GLU A 1 76  ? -1.921  10.337  -7.006  1.00 35.62 ? 732 GLU A CG  1 
ATOM   479 C CD  . GLU A 1 76  ? -1.990  11.255  -8.186  1.00 41.51 ? 732 GLU A CD  1 
ATOM   480 O OE1 . GLU A 1 76  ? -2.978  12.083  -8.194  1.00 38.68 ? 732 GLU A OE1 1 
ATOM   481 O OE2 . GLU A 1 76  ? -1.079  11.079  -9.072  1.00 37.20 ? 732 GLU A OE2 1 
ATOM   482 N N   . GLY A 1 77  ? -2.066  8.775   -3.883  1.00 22.36 ? 733 GLY A N   1 
ATOM   483 C CA  . GLY A 1 77  ? -2.268  9.247   -2.575  1.00 22.78 ? 733 GLY A CA  1 
ATOM   484 C C   . GLY A 1 77  ? -1.234  8.647   -1.707  1.00 24.75 ? 733 GLY A C   1 
ATOM   485 O O   . GLY A 1 77  ? -0.248  8.108   -2.180  1.00 26.29 ? 733 GLY A O   1 
ATOM   486 N N   . LEU A 1 78  ? -1.470  8.781   -0.418  1.00 25.56 ? 734 LEU A N   1 
ATOM   487 C CA  . LEU A 1 78  ? -0.479  8.499   0.587   1.00 26.44 ? 734 LEU A CA  1 
ATOM   488 C C   . LEU A 1 78  ? -0.876  7.192   1.293   1.00 26.93 ? 734 LEU A C   1 
ATOM   489 O O   . LEU A 1 78  ? -1.993  7.085   1.815   1.00 28.15 ? 734 LEU A O   1 
ATOM   490 C CB  . LEU A 1 78  ? -0.366  9.690   1.559   1.00 24.63 ? 734 LEU A CB  1 
ATOM   491 C CG  . LEU A 1 78  ? 0.661   9.416   2.671   1.00 24.97 ? 734 LEU A CG  1 
ATOM   492 C CD1 . LEU A 1 78  ? 2.111   9.664   2.279   1.00 25.09 ? 734 LEU A CD1 1 
ATOM   493 C CD2 . LEU A 1 78  ? 0.299   10.169  3.966   1.00 21.51 ? 734 LEU A CD2 1 
ATOM   494 N N   . TYR A 1 79  ? 0.006   6.203   1.260   1.00 26.51 ? 735 TYR A N   1 
ATOM   495 C CA  . TYR A 1 79  ? -0.348  4.880   1.693   1.00 27.14 ? 735 TYR A CA  1 
ATOM   496 C C   . TYR A 1 79  ? 0.443   4.585   2.922   1.00 28.53 ? 735 TYR A C   1 
ATOM   497 O O   . TYR A 1 79  ? 1.661   4.745   2.921   1.00 29.88 ? 735 TYR A O   1 
ATOM   498 C CB  . TYR A 1 79  ? -0.009  3.862   0.609   1.00 26.08 ? 735 TYR A CB  1 
ATOM   499 C CG  . TYR A 1 79  ? -1.011  3.877   -0.507  1.00 26.96 ? 735 TYR A CG  1 
ATOM   500 C CD1 . TYR A 1 79  ? -2.041  2.962   -0.527  1.00 20.52 ? 735 TYR A CD1 1 
ATOM   501 C CD2 . TYR A 1 79  ? -0.948  4.852   -1.540  1.00 25.25 ? 735 TYR A CD2 1 
ATOM   502 C CE1 . TYR A 1 79  ? -2.988  2.994   -1.554  1.00 22.39 ? 735 TYR A CE1 1 
ATOM   503 C CE2 . TYR A 1 79  ? -1.887  4.875   -2.580  1.00 20.75 ? 735 TYR A CE2 1 
ATOM   504 C CZ  . TYR A 1 79  ? -2.896  3.958   -2.566  1.00 23.13 ? 735 TYR A CZ  1 
ATOM   505 O OH  . TYR A 1 79  ? -3.839  3.945   -3.544  1.00 22.68 ? 735 TYR A OH  1 
ATOM   506 N N   . THR A 1 80  ? -0.228  4.145   3.974   1.00 29.23 ? 736 THR A N   1 
ATOM   507 C CA  . THR A 1 80  ? 0.489   3.812   5.224   1.00 31.17 ? 736 THR A CA  1 
ATOM   508 C C   . THR A 1 80  ? 0.338   2.373   5.587   1.00 29.16 ? 736 THR A C   1 
ATOM   509 O O   . THR A 1 80  ? -0.750  1.859   5.508   1.00 26.26 ? 736 THR A O   1 
ATOM   510 C CB  . THR A 1 80  ? -0.086  4.608   6.410   1.00 32.62 ? 736 THR A CB  1 
ATOM   511 O OG1 . THR A 1 80  ? -0.336  5.968   5.989   1.00 33.49 ? 736 THR A OG1 1 
ATOM   512 C CG2 . THR A 1 80  ? 0.880   4.555   7.603   1.00 31.10 ? 736 THR A CG2 1 
ATOM   513 N N   . CYS A 1 81  ? 1.416   1.718   5.967   1.00 30.64 ? 737 CYS A N   1 
ATOM   514 C CA  . CYS A 1 81  ? 1.250   0.376   6.563   1.00 35.22 ? 737 CYS A CA  1 
ATOM   515 C C   . CYS A 1 81  ? 1.679   0.442   8.021   1.00 36.25 ? 737 CYS A C   1 
ATOM   516 O O   . CYS A 1 81  ? 2.798   0.867   8.367   1.00 36.72 ? 737 CYS A O   1 
ATOM   517 C CB  . CYS A 1 81  ? 1.963   -0.739  5.791   1.00 34.31 ? 737 CYS A CB  1 
ATOM   518 S SG  . CYS A 1 81  ? 3.560   -0.612  6.211   1.00 41.26 ? 737 CYS A SG  1 
ATOM   519 N N   . GLN A 1 82  ? 0.737   0.115   8.886   1.00 38.33 ? 738 GLN A N   1 
ATOM   520 C CA  . GLN A 1 82  ? 0.956   0.260   10.317  1.00 41.31 ? 738 GLN A CA  1 
ATOM   521 C C   . GLN A 1 82  ? 1.036   -1.073  11.060  1.00 44.46 ? 738 GLN A C   1 
ATOM   522 O O   . GLN A 1 82  ? 0.232   -1.969  10.801  1.00 44.21 ? 738 GLN A O   1 
ATOM   523 C CB  . GLN A 1 82  ? -0.179  1.037   10.882  1.00 39.03 ? 738 GLN A CB  1 
ATOM   524 C CG  . GLN A 1 82  ? 0.049   1.370   12.277  1.00 37.04 ? 738 GLN A CG  1 
ATOM   525 C CD  . GLN A 1 82  ? -0.984  2.355   12.747  1.00 40.40 ? 738 GLN A CD  1 
ATOM   526 O OE1 . GLN A 1 82  ? -2.213  2.105   12.658  1.00 41.03 ? 738 GLN A OE1 1 
ATOM   527 N NE2 . GLN A 1 82  ? -0.514  3.507   13.211  1.00 36.42 ? 738 GLN A NE2 1 
ATOM   528 N N   . ALA A 1 83  ? 1.994   -1.210  11.974  1.00 48.74 ? 739 ALA A N   1 
ATOM   529 C CA  . ALA A 1 83  ? 2.039   -2.397  12.859  1.00 52.95 ? 739 ALA A CA  1 
ATOM   530 C C   . ALA A 1 83  ? 1.753   -1.863  14.269  1.00 55.93 ? 739 ALA A C   1 
ATOM   531 O O   . ALA A 1 83  ? 2.374   -0.890  14.734  1.00 58.95 ? 739 ALA A O   1 
ATOM   532 C CB  . ALA A 1 83  ? 3.380   -3.064  12.797  1.00 51.51 ? 739 ALA A CB  1 
ATOM   533 N N   . CYS A 1 84  ? 0.763   -2.474  14.909  1.00 58.87 ? 740 CYS A N   1 
ATOM   534 C CA  . CYS A 1 84  ? 0.177   -1.976  16.175  1.00 62.57 ? 740 CYS A CA  1 
ATOM   535 C C   . CYS A 1 84  ? 0.145   -3.057  17.260  1.00 61.47 ? 740 CYS A C   1 
ATOM   536 O O   . CYS A 1 84  ? -0.130  -4.278  16.949  1.00 62.48 ? 740 CYS A O   1 
ATOM   537 C CB  . CYS A 1 84  ? -1.269  -1.558  15.948  1.00 63.59 ? 740 CYS A CB  1 
ATOM   538 S SG  . CYS A 1 84  ? -1.631  0.218   15.912  1.00 75.05 ? 740 CYS A SG  1 
ATOM   539 N N   . CYS A 1 89  ? 3.930   0.644   18.341  1.00 59.29 ? 745 CYS A N   1 
ATOM   540 C CA  . CYS A 1 89  ? 3.166   1.026   17.142  1.00 60.16 ? 745 CYS A CA  1 
ATOM   541 C C   . CYS A 1 89  ? 4.122   1.562   16.065  1.00 57.45 ? 745 CYS A C   1 
ATOM   542 O O   . CYS A 1 89  ? 4.582   2.749   16.141  1.00 59.05 ? 745 CYS A O   1 
ATOM   543 C CB  . CYS A 1 89  ? 2.260   2.173   17.510  1.00 61.02 ? 745 CYS A CB  1 
ATOM   544 S SG  . CYS A 1 89  ? 0.665   1.876   16.864  1.00 76.78 ? 745 CYS A SG  1 
ATOM   545 N N   . ALA A 1 90  ? 4.407   0.830   14.890  1.00 53.04 ? 746 ALA A N   1 
ATOM   546 C CA  . ALA A 1 90  ? 5.350   1.368   13.889  1.00 49.05 ? 746 ALA A CA  1 
ATOM   547 C C   . ALA A 1 90  ? 4.574   1.697   12.581  1.00 46.66 ? 746 ALA A C   1 
ATOM   548 O O   . ALA A 1 90  ? 3.405   1.301   12.406  1.00 46.17 ? 746 ALA A O   1 
ATOM   549 C CB  . ALA A 1 90  ? 6.492   0.339   13.611  1.00 47.99 ? 746 ALA A CB  1 
ATOM   550 N N   . LYS A 1 91  ? 5.221   2.434   11.681  1.00 42.72 ? 747 LYS A N   1 
ATOM   551 C CA  . LYS A 1 91  ? 4.564   2.892   10.494  1.00 39.01 ? 747 LYS A CA  1 
ATOM   552 C C   . LYS A 1 91  ? 5.558   3.156   9.410   1.00 37.86 ? 747 LYS A C   1 
ATOM   553 O O   . LYS A 1 91  ? 6.701   3.495   9.685   1.00 37.13 ? 747 LYS A O   1 
ATOM   554 C CB  . LYS A 1 91  ? 3.942   4.189   10.803  1.00 37.73 ? 747 LYS A CB  1 
ATOM   555 C CG  . LYS A 1 91  ? 2.556   4.218   10.424  1.00 40.56 ? 747 LYS A CG  1 
ATOM   556 C CD  . LYS A 1 91  ? 1.959   5.533   10.896  1.00 45.01 ? 747 LYS A CD  1 
ATOM   557 C CE  . LYS A 1 91  ? 2.891   6.705   10.602  1.00 45.01 ? 747 LYS A CE  1 
ATOM   558 N NZ  . LYS A 1 91  ? 2.103   7.967   10.721  1.00 46.96 ? 747 LYS A NZ  1 
ATOM   559 N N   . VAL A 1 92  ? 5.138   2.966   8.163   1.00 36.06 ? 748 VAL A N   1 
ATOM   560 C CA  . VAL A 1 92  ? 5.867   3.519   7.033   1.00 33.53 ? 748 VAL A CA  1 
ATOM   561 C C   . VAL A 1 92  ? 4.849   4.202   6.140   1.00 33.96 ? 748 VAL A C   1 
ATOM   562 O O   . VAL A 1 92  ? 3.673   3.767   6.045   1.00 34.70 ? 748 VAL A O   1 
ATOM   563 C CB  . VAL A 1 92  ? 6.616   2.464   6.274   1.00 32.68 ? 748 VAL A CB  1 
ATOM   564 C CG1 . VAL A 1 92  ? 7.336   3.103   5.173   1.00 30.90 ? 748 VAL A CG1 1 
ATOM   565 C CG2 . VAL A 1 92  ? 7.634   1.793   7.169   1.00 31.86 ? 748 VAL A CG2 1 
ATOM   566 N N   . GLU A 1 93  ? 5.273   5.299   5.524   1.00 32.58 ? 749 GLU A N   1 
ATOM   567 C CA  . GLU A 1 93  ? 4.388   5.988   4.605   1.00 31.55 ? 749 GLU A CA  1 
ATOM   568 C C   . GLU A 1 93  ? 4.997   6.035   3.212   1.00 29.57 ? 749 GLU A C   1 
ATOM   569 O O   . GLU A 1 93  ? 6.221   6.029   3.085   1.00 30.11 ? 749 GLU A O   1 
ATOM   570 C CB  . GLU A 1 93  ? 4.088   7.365   5.121   1.00 31.17 ? 749 GLU A CB  1 
ATOM   571 C CG  . GLU A 1 93  ? 3.404   7.329   6.429   1.00 37.38 ? 749 GLU A CG  1 
ATOM   572 C CD  . GLU A 1 93  ? 2.867   8.707   6.838   1.00 48.69 ? 749 GLU A CD  1 
ATOM   573 O OE1 . GLU A 1 93  ? 3.616   9.707   6.722   1.00 48.97 ? 749 GLU A OE1 1 
ATOM   574 O OE2 . GLU A 1 93  ? 1.688   8.794   7.285   1.00 53.91 ? 749 GLU A OE2 1 
ATOM   575 N N   . ALA A 1 94  ? 4.173   6.017   2.166   1.00 27.13 ? 750 ALA A N   1 
ATOM   576 C CA  . ALA A 1 94  ? 4.709   6.238   0.823   1.00 25.29 ? 750 ALA A CA  1 
ATOM   577 C C   . ALA A 1 94  ? 3.643   6.851   -0.017  1.00 25.17 ? 750 ALA A C   1 
ATOM   578 O O   . ALA A 1 94  ? 2.475   6.522   0.127   1.00 26.15 ? 750 ALA A O   1 
ATOM   579 C CB  . ALA A 1 94  ? 5.188   4.968   0.205   1.00 24.70 ? 750 ALA A CB  1 
ATOM   580 N N   . PHE A 1 95  ? 4.033   7.773   -0.877  1.00 24.30 ? 751 PHE A N   1 
ATOM   581 C CA  . PHE A 1 95  ? 3.056   8.411   -1.743  1.00 22.89 ? 751 PHE A CA  1 
ATOM   582 C C   . PHE A 1 95  ? 3.142   7.749   -3.113  1.00 23.31 ? 751 PHE A C   1 
ATOM   583 O O   . PHE A 1 95  ? 4.245   7.440   -3.581  1.00 23.93 ? 751 PHE A O   1 
ATOM   584 C CB  . PHE A 1 95  ? 3.324   9.924   -1.841  1.00 21.84 ? 751 PHE A CB  1 
ATOM   585 C CG  . PHE A 1 95  ? 2.195   10.663  -2.438  1.00 18.69 ? 751 PHE A CG  1 
ATOM   586 C CD1 . PHE A 1 95  ? 1.235   11.233  -1.632  1.00 14.27 ? 751 PHE A CD1 1 
ATOM   587 C CD2 . PHE A 1 95  ? 2.053   10.730  -3.830  1.00 15.11 ? 751 PHE A CD2 1 
ATOM   588 C CE1 . PHE A 1 95  ? 0.117   11.904  -2.207  1.00 16.17 ? 751 PHE A CE1 1 
ATOM   589 C CE2 . PHE A 1 95  ? 0.979   11.360  -4.427  1.00 13.96 ? 751 PHE A CE2 1 
ATOM   590 C CZ  . PHE A 1 95  ? -0.007  11.989  -3.612  1.00 16.59 ? 751 PHE A CZ  1 
ATOM   591 N N   . PHE A 1 96  ? 1.988   7.468   -3.717  1.00 23.60 ? 752 PHE A N   1 
ATOM   592 C CA  . PHE A 1 96  ? 1.957   6.862   -5.050  1.00 24.83 ? 752 PHE A CA  1 
ATOM   593 C C   . PHE A 1 96  ? 1.413   7.859   -6.124  1.00 26.00 ? 752 PHE A C   1 
ATOM   594 O O   . PHE A 1 96  ? 0.266   8.288   -6.063  1.00 27.94 ? 752 PHE A O   1 
ATOM   595 C CB  . PHE A 1 96  ? 1.049   5.614   -5.093  1.00 24.54 ? 752 PHE A CB  1 
ATOM   596 C CG  . PHE A 1 96  ? 1.470   4.466   -4.217  1.00 22.89 ? 752 PHE A CG  1 
ATOM   597 C CD1 . PHE A 1 96  ? 2.714   4.369   -3.675  1.00 21.26 ? 752 PHE A CD1 1 
ATOM   598 C CD2 . PHE A 1 96  ? 0.582   3.436   -3.996  1.00 27.65 ? 752 PHE A CD2 1 
ATOM   599 C CE1 . PHE A 1 96  ? 3.028   3.308   -2.887  1.00 22.82 ? 752 PHE A CE1 1 
ATOM   600 C CE2 . PHE A 1 96  ? 0.886   2.379   -3.196  1.00 24.82 ? 752 PHE A CE2 1 
ATOM   601 C CZ  . PHE A 1 96  ? 2.111   2.302   -2.660  1.00 22.38 ? 752 PHE A CZ  1 
ATOM   602 N N   . ILE A 1 97  ? 2.212   8.167   -7.123  1.00 25.96 ? 753 ILE A N   1 
ATOM   603 C CA  . ILE A 1 97  ? 1.768   8.975   -8.265  1.00 27.90 ? 753 ILE A CA  1 
ATOM   604 C C   . ILE A 1 97  ? 1.386   8.073   -9.424  1.00 28.97 ? 753 ILE A C   1 
ATOM   605 O O   . ILE A 1 97  ? 2.182   7.228   -9.848  1.00 28.65 ? 753 ILE A O   1 
ATOM   606 C CB  . ILE A 1 97  ? 2.942   9.920   -8.732  1.00 29.26 ? 753 ILE A CB  1 
ATOM   607 C CG1 . ILE A 1 97  ? 3.127   11.068  -7.727  1.00 28.19 ? 753 ILE A CG1 1 
ATOM   608 C CG2 . ILE A 1 97  ? 2.713   10.474  -10.101 1.00 22.41 ? 753 ILE A CG2 1 
ATOM   609 C CD1 . ILE A 1 97  ? 4.495   11.374  -7.418  1.00 22.02 ? 753 ILE A CD1 1 
ATOM   610 N N   . ILE A 1 98  ? 0.178   8.233   -9.941  1.00 31.39 ? 754 ILE A N   1 
ATOM   611 C CA  . ILE A 1 98  ? -0.184  7.564   -11.195 1.00 33.28 ? 754 ILE A CA  1 
ATOM   612 C C   . ILE A 1 98  ? 0.063   8.482   -12.452 1.00 35.55 ? 754 ILE A C   1 
ATOM   613 O O   . ILE A 1 98  ? -0.759  9.353   -12.707 1.00 36.23 ? 754 ILE A O   1 
ATOM   614 C CB  . ILE A 1 98  ? -1.656  7.050   -11.097 1.00 33.17 ? 754 ILE A CB  1 
ATOM   615 C CG1 . ILE A 1 98  ? -1.890  6.274   -9.792  1.00 29.39 ? 754 ILE A CG1 1 
ATOM   616 C CG2 . ILE A 1 98  ? -1.994  6.121   -12.240 1.00 33.81 ? 754 ILE A CG2 1 
ATOM   617 C CD1 . ILE A 1 98  ? -0.799  5.132   -9.475  1.00 20.25 ? 754 ILE A CD1 1 
ATOM   618 N N   . GLU A 1 99  ? 1.191   8.328   -13.181 1.00 38.26 ? 755 GLU A N   1 
ATOM   619 C CA  . GLU A 1 99  ? 1.457   9.052   -14.485 1.00 40.92 ? 755 GLU A CA  1 
ATOM   620 C C   . GLU A 1 99  ? 0.589   8.618   -15.653 1.00 43.10 ? 755 GLU A C   1 
ATOM   621 O O   . GLU A 1 99  ? -0.231  7.701   -15.519 1.00 43.23 ? 755 GLU A O   1 
ATOM   622 C CB  . GLU A 1 99  ? 2.830   8.743   -15.005 1.00 39.67 ? 755 GLU A CB  1 
ATOM   623 C CG  . GLU A 1 99  ? 3.886   9.740   -14.796 1.00 46.91 ? 755 GLU A CG  1 
ATOM   624 C CD  . GLU A 1 99  ? 5.254   9.039   -14.873 1.00 60.66 ? 755 GLU A CD  1 
ATOM   625 O OE1 . GLU A 1 99  ? 6.303   9.716   -14.733 1.00 64.94 ? 755 GLU A OE1 1 
ATOM   626 O OE2 . GLU A 1 99  ? 5.291   7.786   -15.059 1.00 64.64 ? 755 GLU A OE2 1 
ATOM   627 N N   . GLY A 1 100 ? 0.857   9.199   -16.834 1.00 46.82 ? 756 GLY A N   1 
ATOM   628 C CA  . GLY A 1 100 ? 0.149   8.853   -18.105 1.00 46.46 ? 756 GLY A CA  1 
ATOM   629 C C   . GLY A 1 100 ? -1.252  9.474   -18.106 1.00 46.63 ? 756 GLY A C   1 
ATOM   630 O O   . GLY A 1 100 ? -1.688  10.009  -17.061 1.00 46.54 ? 756 GLY A O   1 
HETATM 631 O O   . HOH B 2 .   ? -6.212  3.022   -3.972  1.00 18.26 ? 1   HOH A O   1 
HETATM 632 O O   . HOH B 2 .   ? -1.344  -8.935  -2.854  1.00 35.83 ? 2   HOH A O   1 
HETATM 633 O O   . HOH B 2 .   ? 2.537   -3.766  -14.234 1.00 39.24 ? 3   HOH A O   1 
HETATM 634 O O   . HOH B 2 .   ? -2.486  6.823   4.966   1.00 31.78 ? 4   HOH A O   1 
HETATM 635 O O   . HOH B 2 .   ? -3.815  -14.315 4.792   1.00 38.53 ? 5   HOH A O   1 
HETATM 636 O O   . HOH B 2 .   ? -9.188  3.883   -6.987  1.00 27.17 ? 6   HOH A O   1 
HETATM 637 O O   . HOH B 2 .   ? -8.647  0.823   -13.403 1.00 37.62 ? 7   HOH A O   1 
HETATM 638 O O   . HOH B 2 .   ? -6.439  -3.352  6.180   1.00 56.99 ? 8   HOH A O   1 
HETATM 639 O O   . HOH B 2 .   ? -3.597  12.768  -1.535  1.00 40.94 ? 9   HOH A O   1 
HETATM 640 O O   . HOH B 2 .   ? -2.662  -15.279 1.396   1.00 43.40 ? 10  HOH A O   1 
HETATM 641 O O   . HOH B 2 .   ? -10.100 -7.978  -3.463  1.00 45.45 ? 11  HOH A O   1 
HETATM 642 O O   . HOH B 2 .   ? -8.392  3.001   -2.937  1.00 37.98 ? 12  HOH A O   1 
HETATM 643 O O   . HOH B 2 .   ? 7.957   3.345   -10.207 1.00 45.24 ? 13  HOH A O   1 
HETATM 644 O O   . HOH B 2 .   ? -9.740  4.694   -3.890  1.00 49.84 ? 14  HOH A O   1 
HETATM 645 O O   . HOH B 2 .   ? -15.123 -3.472  -6.863  1.00 43.88 ? 15  HOH A O   1 
HETATM 646 O O   . HOH B 2 .   ? 5.348   -2.313  -8.324  1.00 53.85 ? 16  HOH A O   1 
HETATM 647 O O   . HOH B 2 .   ? -4.486  -10.678 3.733   1.00 50.71 ? 17  HOH A O   1 
HETATM 648 O O   . HOH B 2 .   ? 9.272   6.302   -8.673  1.00 38.10 ? 18  HOH A O   1 
HETATM 649 O O   . HOH B 2 .   ? 8.148   -0.152  -4.235  1.00 43.68 ? 19  HOH A O   1 
HETATM 650 O O   . HOH B 2 .   ? 5.116   -13.178 13.523  1.00 44.99 ? 20  HOH A O   1 
HETATM 651 O O   . HOH B 2 .   ? 3.556   -2.928  17.739  1.00 30.00 ? 21  HOH A O   1 
HETATM 652 O O   . HOH B 2 .   ? 2.181   -4.415  17.158  1.00 30.00 ? 22  HOH A O   1 
HETATM 653 O O   . HOH B 2 .   ? 8.499   -6.365  3.922   1.00 30.00 ? 23  HOH A O   1 
HETATM 654 O O   . HOH B 2 .   ? 3.500   -8.780  10.705  1.00 30.00 ? 24  HOH A O   1 
HETATM 655 O O   . HOH B 2 .   ? 0.925   -8.982  10.115  1.00 30.00 ? 25  HOH A O   1 
HETATM 656 O O   . HOH B 2 .   ? -3.066  -8.629  9.905   1.00 30.00 ? 26  HOH A O   1 
HETATM 657 O O   . HOH B 2 .   ? 4.286   -11.373 16.048  1.00 30.00 ? 27  HOH A O   1 
HETATM 658 O O   . HOH B 2 .   ? 3.735   -10.857 13.951  1.00 30.00 ? 28  HOH A O   1 
HETATM 659 O O   . HOH B 2 .   ? -3.592  -2.303  12.748  1.00 30.00 ? 29  HOH A O   1 
HETATM 660 O O   . HOH B 2 .   ? -7.509  -0.572  10.961  1.00 30.00 ? 30  HOH A O   1 
HETATM 661 O O   . HOH B 2 .   ? -7.617  1.139   12.767  1.00 30.00 ? 31  HOH A O   1 
HETATM 662 O O   . HOH B 2 .   ? -6.991  -0.938  6.037   1.00 30.00 ? 32  HOH A O   1 
HETATM 663 O O   . HOH B 2 .   ? -3.857  6.613   10.331  1.00 30.00 ? 33  HOH A O   1 
HETATM 664 O O   . HOH B 2 .   ? -10.753 -5.588  -2.439  1.00 30.00 ? 34  HOH A O   1 
HETATM 665 O O   . HOH B 2 .   ? 9.595   6.151   3.990   1.00 30.00 ? 35  HOH A O   1 
# 
